data_4IRD
#
_entry.id   4IRD
#
_cell.length_a   86.690
_cell.length_b   56.880
_cell.length_c   110.930
_cell.angle_alpha   90.00
_cell.angle_beta   93.99
_cell.angle_gamma   90.00
#
_symmetry.space_group_name_H-M   'P 1 21 1'
#
loop_
_entity.id
_entity.type
_entity.pdbx_description
1 polymer "DNA (5'-D(*TP*CP*TP*TP*GP*GP*GP*TP*CP*CP*TP*AP*GP*GP*AP*CP*CP*C)-3')"
2 polymer "DNA (5'-D(*GP*GP*GP*TP*CP*CP*TP*AP*GP*GP*AP*CP*CP*C)-3')"
3 polymer "DNA (5'-D(*CP*TP*AP*GP*GP*GP*TP*CP*CP*TP*AP*GP*GP*AP*CP*CP*C)-3')"
4 polymer 'DNA polymerase IV'
5 non-polymer "2'-deoxy-5'-O-[(R)-hydroxy{[(R)-hydroxy(phosphonooxy)phosphoryl]amino}phosphoryl]adenosine"
6 non-polymer 'MAGNESIUM ION'
7 water water
#
loop_
_entity_poly.entity_id
_entity_poly.type
_entity_poly.pdbx_seq_one_letter_code
_entity_poly.pdbx_strand_id
1 'polydeoxyribonucleotide' (DT)(DC)(DT)(DT)(DG)(DG)(DG)(DT)(DC)(DC)(DT)(DA)(DG)(DG)(DA)(DC)(DC)(DC) G,B
2 'polydeoxyribonucleotide' (DG)(DG)(DG)(DT)(DC)(DC)(DT)(DA)(DG)(DG)(DA)(DC)(DC)(DC) H
3 'polydeoxyribonucleotide' (DC)(DT)(DA)(DG)(DG)(DG)(DT)(DC)(DC)(DT)(DA)(DG)(DG)(DA)(DC)(DC)(DC) C
4 'polypeptide(L)'
;GSRKIIHVDMDCFFAAVEMRDNPALRDIPIAIGGSRERRGVISTANYPARKFGVRSAMPTGMALALCPHLTLLPGRFDAY
KEASNHIREIFSRYTSRIEPLSLDEAYLDVTDSVHCHGSATLIAQEIRQTIFNELQLTASAGVAPVKFLAKIASDMNKPN
GQFVITPAEVPAFLQTLPLAKIPGVGKVSAAKLEAMGLRTCGDVQACDLVMLLKRFGKFGRILWERSQGIDERDVNSERL
RKSVGVERTMAEDIHHWSECEAIIERLYPELERRLAKVKPDLLIARQGVKLKFDDFQQTTQEHVWPRLNKADLIATARKT
WDERRGGRGVRLVGLHVTLLDP
;
F,A
#
# COMPACT_ATOMS: atom_id res chain seq x y z
N GLY E 1 37.87 -25.26 1.64
CA GLY E 1 37.31 -26.44 0.91
C GLY E 1 36.20 -26.04 -0.05
N SER E 2 36.60 -25.53 -1.22
CA SER E 2 35.65 -25.14 -2.25
C SER E 2 35.10 -26.34 -3.04
N ARG E 3 33.82 -26.25 -3.45
CA ARG E 3 33.24 -27.25 -4.33
C ARG E 3 33.31 -26.72 -5.75
N LYS E 4 33.17 -27.64 -6.69
CA LYS E 4 33.07 -27.30 -8.08
C LYS E 4 31.61 -27.53 -8.50
N ILE E 5 30.88 -26.45 -8.70
CA ILE E 5 29.47 -26.55 -9.06
C ILE E 5 29.20 -26.00 -10.45
N ILE E 6 28.38 -26.75 -11.19
CA ILE E 6 28.02 -26.43 -12.54
C ILE E 6 26.54 -26.17 -12.57
N HIS E 7 26.11 -25.13 -13.23
CA HIS E 7 24.68 -25.06 -13.62
C HIS E 7 24.55 -25.22 -15.13
N VAL E 8 23.81 -26.21 -15.58
CA VAL E 8 23.53 -26.40 -17.02
C VAL E 8 22.11 -25.92 -17.27
N ASP E 9 21.83 -25.45 -18.51
CA ASP E 9 20.56 -24.82 -18.88
C ASP E 9 20.42 -24.89 -20.37
N MET E 10 19.36 -25.53 -20.85
CA MET E 10 19.15 -25.66 -22.28
C MET E 10 18.71 -24.34 -22.84
N ASP E 11 19.20 -24.02 -24.05
CA ASP E 11 18.86 -22.76 -24.71
C ASP E 11 17.44 -22.74 -25.29
N CYS E 12 16.63 -21.75 -24.90
CA CYS E 12 15.31 -21.59 -25.56
C CYS E 12 14.54 -22.89 -25.65
N PHE E 13 14.37 -23.54 -24.49
CA PHE E 13 14.21 -24.98 -24.49
C PHE E 13 13.07 -25.41 -25.40
N PHE E 14 11.85 -24.98 -25.08
CA PHE E 14 10.67 -25.44 -25.87
C PHE E 14 10.77 -25.15 -27.35
N ALA E 15 11.14 -23.91 -27.67
CA ALA E 15 11.33 -23.51 -29.06
C ALA E 15 12.43 -24.31 -29.75
N ALA E 16 13.51 -24.64 -29.04
CA ALA E 16 14.60 -25.36 -29.64
C ALA E 16 14.12 -26.73 -30.11
N VAL E 17 13.22 -27.31 -29.35
CA VAL E 17 12.79 -28.64 -29.65
C VAL E 17 11.84 -28.60 -30.84
N GLU E 18 10.93 -27.63 -30.86
CA GLU E 18 10.12 -27.36 -32.06
C GLU E 18 10.97 -27.21 -33.33
N MET E 19 11.89 -26.26 -33.32
CA MET E 19 12.78 -26.01 -34.46
C MET E 19 13.66 -27.19 -34.84
N ARG E 20 14.05 -28.00 -33.86
CA ARG E 20 14.74 -29.24 -34.22
C ARG E 20 13.85 -30.09 -35.08
N ASP E 21 12.69 -30.44 -34.53
CA ASP E 21 11.66 -31.25 -35.16
C ASP E 21 10.97 -30.63 -36.37
N ASN E 22 11.28 -29.39 -36.70
CA ASN E 22 10.74 -28.79 -37.90
C ASN E 22 11.55 -27.66 -38.42
N PRO E 23 12.59 -27.97 -39.18
CA PRO E 23 13.61 -27.01 -39.63
C PRO E 23 13.03 -25.77 -40.28
N ALA E 24 11.78 -25.85 -40.75
CA ALA E 24 11.16 -24.69 -41.40
C ALA E 24 11.01 -23.57 -40.40
N LEU E 25 10.97 -23.92 -39.13
CA LEU E 25 10.75 -22.95 -38.08
C LEU E 25 12.03 -22.22 -37.73
N ARG E 26 13.13 -22.73 -38.29
CA ARG E 26 14.47 -22.37 -37.86
C ARG E 26 14.73 -20.86 -37.79
N ASP E 27 14.36 -20.12 -38.84
CA ASP E 27 14.82 -18.73 -39.00
C ASP E 27 13.69 -17.70 -38.98
N ILE E 28 12.52 -18.12 -38.52
CA ILE E 28 11.38 -17.24 -38.45
C ILE E 28 10.92 -17.13 -36.99
N PRO E 29 10.26 -16.05 -36.59
CA PRO E 29 9.94 -15.94 -35.18
C PRO E 29 8.83 -16.84 -34.68
N ILE E 30 9.10 -17.69 -33.69
CA ILE E 30 8.09 -18.61 -33.17
C ILE E 30 8.06 -18.56 -31.67
N ALA E 31 6.94 -18.95 -31.11
CA ALA E 31 6.81 -18.99 -29.69
C ALA E 31 5.84 -20.07 -29.29
N ILE E 32 6.06 -20.66 -28.12
CA ILE E 32 5.10 -21.55 -27.51
C ILE E 32 4.31 -20.68 -26.54
N GLY E 33 2.98 -20.73 -26.65
CA GLY E 33 2.07 -20.13 -25.65
C GLY E 33 0.61 -20.33 -26.02
N GLY E 34 -0.32 -19.93 -25.15
CA GLY E 34 -1.73 -20.01 -25.49
C GLY E 34 -2.16 -18.81 -26.32
N SER E 35 -2.91 -19.06 -27.39
CA SER E 35 -3.35 -18.03 -28.33
C SER E 35 -4.06 -16.86 -27.63
N ARG E 36 -4.18 -15.73 -28.35
CA ARG E 36 -4.70 -14.43 -27.84
C ARG E 36 -6.14 -14.47 -27.30
N GLU E 37 -7.02 -15.10 -28.10
CA GLU E 37 -8.42 -15.41 -27.78
C GLU E 37 -8.51 -16.41 -26.64
N ARG E 38 -7.45 -17.17 -26.42
CA ARG E 38 -7.44 -18.02 -25.25
C ARG E 38 -7.05 -17.31 -23.98
N ARG E 39 -6.58 -16.07 -24.10
CA ARG E 39 -6.10 -15.24 -22.97
C ARG E 39 -4.72 -15.75 -22.45
N GLY E 40 -3.93 -16.31 -23.36
CA GLY E 40 -2.62 -16.87 -22.96
C GLY E 40 -1.36 -15.99 -22.95
N VAL E 41 -0.34 -16.43 -22.23
CA VAL E 41 0.96 -15.79 -22.34
C VAL E 41 1.92 -16.58 -23.20
N ILE E 42 3.12 -16.05 -23.36
CA ILE E 42 4.18 -16.80 -24.01
C ILE E 42 4.95 -17.59 -22.95
N SER E 43 5.18 -18.83 -23.37
CA SER E 43 5.90 -19.80 -22.59
C SER E 43 7.38 -19.55 -22.86
N THR E 44 7.75 -19.59 -24.14
CA THR E 44 9.06 -19.16 -24.53
C THR E 44 9.06 -18.71 -25.96
N ALA E 45 10.19 -18.14 -26.40
CA ALA E 45 10.32 -17.77 -27.80
C ALA E 45 11.71 -18.03 -28.30
N ASN E 46 11.85 -18.30 -29.59
CA ASN E 46 13.17 -18.31 -30.18
C ASN E 46 13.79 -16.91 -30.35
N TYR E 47 15.04 -16.92 -30.79
CA TYR E 47 15.81 -15.70 -30.90
C TYR E 47 15.28 -14.73 -31.98
N PRO E 48 14.99 -15.25 -33.18
CA PRO E 48 14.29 -14.36 -34.10
C PRO E 48 13.16 -13.59 -33.45
N ALA E 49 12.46 -14.17 -32.46
CA ALA E 49 11.28 -13.50 -31.90
C ALA E 49 11.63 -12.63 -30.69
N ARG E 50 12.64 -13.06 -29.94
CA ARG E 50 13.17 -12.24 -28.87
C ARG E 50 13.67 -10.89 -29.43
N LYS E 51 14.25 -10.96 -30.64
CA LYS E 51 14.71 -9.73 -31.32
C LYS E 51 13.72 -8.57 -31.23
N PHE E 52 12.43 -8.95 -31.23
CA PHE E 52 11.30 -8.06 -31.38
C PHE E 52 10.82 -7.66 -30.04
N GLY E 53 11.29 -8.35 -29.00
CA GLY E 53 10.88 -7.98 -27.63
C GLY E 53 10.01 -8.98 -26.90
N VAL E 54 9.74 -10.12 -27.55
CA VAL E 54 8.89 -11.17 -26.98
C VAL E 54 9.63 -11.84 -25.82
N ARG E 55 9.03 -11.88 -24.63
CA ARG E 55 9.60 -12.58 -23.51
C ARG E 55 8.63 -13.65 -23.00
N SER E 56 9.11 -14.55 -22.15
CA SER E 56 8.23 -15.43 -21.39
C SER E 56 7.40 -14.58 -20.46
N ALA E 57 6.17 -15.00 -20.20
CA ALA E 57 5.29 -14.28 -19.26
C ALA E 57 4.48 -13.16 -19.91
N MET E 58 4.93 -12.71 -21.06
CA MET E 58 4.26 -11.70 -21.79
C MET E 58 2.96 -12.20 -22.39
N PRO E 59 1.87 -11.45 -22.21
CA PRO E 59 0.56 -11.76 -22.77
C PRO E 59 0.64 -11.91 -24.25
N THR E 60 -0.12 -12.81 -24.84
CA THR E 60 0.07 -13.07 -26.28
C THR E 60 -0.37 -11.87 -27.11
N GLY E 61 -1.33 -11.13 -26.57
CA GLY E 61 -1.75 -9.86 -27.16
C GLY E 61 -0.54 -9.03 -27.50
N MET E 62 0.31 -8.87 -26.50
CA MET E 62 1.49 -8.06 -26.70
C MET E 62 2.50 -8.72 -27.65
N ALA E 63 2.83 -9.99 -27.42
CA ALA E 63 3.66 -10.68 -28.41
C ALA E 63 3.32 -10.35 -29.89
N LEU E 64 2.03 -10.29 -30.22
CA LEU E 64 1.68 -10.12 -31.64
C LEU E 64 1.74 -8.66 -32.09
N ALA E 65 1.26 -7.72 -31.27
CA ALA E 65 1.50 -6.29 -31.54
C ALA E 65 2.97 -6.17 -31.93
N LEU E 66 3.82 -6.59 -31.00
CA LEU E 66 5.27 -6.47 -31.13
C LEU E 66 5.87 -7.22 -32.25
N CYS E 67 5.33 -8.41 -32.59
CA CYS E 67 5.94 -9.23 -33.63
C CYS E 67 4.83 -9.88 -34.43
N PRO E 68 4.15 -9.09 -35.28
CA PRO E 68 2.92 -9.56 -35.90
C PRO E 68 2.98 -10.86 -36.74
N HIS E 69 4.13 -11.22 -37.28
CA HIS E 69 4.24 -12.52 -37.96
C HIS E 69 4.56 -13.69 -37.01
N LEU E 70 4.41 -13.47 -35.71
CA LEU E 70 4.75 -14.49 -34.75
C LEU E 70 3.99 -15.80 -34.97
N THR E 71 4.66 -16.85 -35.40
CA THR E 71 4.02 -18.17 -35.44
C THR E 71 3.92 -18.80 -34.08
N LEU E 72 2.72 -19.15 -33.67
CA LEU E 72 2.48 -19.55 -32.30
C LEU E 72 2.17 -21.04 -32.21
N LEU E 73 2.83 -21.73 -31.29
CA LEU E 73 2.68 -23.16 -31.16
C LEU E 73 2.11 -23.47 -29.80
N PRO E 74 1.35 -24.59 -29.70
CA PRO E 74 0.70 -25.01 -28.44
C PRO E 74 1.62 -25.88 -27.56
N GLY E 75 2.65 -26.44 -28.16
CA GLY E 75 3.68 -27.07 -27.35
C GLY E 75 3.37 -28.52 -27.12
N ARG E 76 4.43 -29.32 -27.03
CA ARG E 76 4.35 -30.75 -26.96
C ARG E 76 5.19 -31.30 -25.83
N PHE E 77 4.57 -31.42 -24.66
CA PHE E 77 5.27 -31.89 -23.47
C PHE E 77 6.03 -33.18 -23.54
N ASP E 78 5.47 -34.20 -24.18
CA ASP E 78 6.15 -35.48 -24.19
C ASP E 78 7.47 -35.26 -24.84
N ALA E 79 7.47 -34.51 -25.92
CA ALA E 79 8.73 -34.10 -26.54
C ALA E 79 9.71 -33.35 -25.58
N TYR E 80 9.23 -32.42 -24.77
CA TYR E 80 10.11 -31.75 -23.78
C TYR E 80 10.57 -32.72 -22.67
N LYS E 81 9.64 -33.57 -22.21
CA LYS E 81 9.93 -34.61 -21.21
C LYS E 81 10.96 -35.59 -21.71
N GLU E 82 10.82 -35.98 -22.97
CA GLU E 82 11.71 -36.95 -23.55
C GLU E 82 13.10 -36.35 -23.53
N ALA E 83 13.19 -35.13 -23.99
CA ALA E 83 14.47 -34.46 -24.08
C ALA E 83 15.07 -34.33 -22.69
N SER E 84 14.35 -33.73 -21.76
CA SER E 84 14.76 -33.71 -20.37
C SER E 84 15.31 -35.08 -19.92
N ASN E 85 14.50 -36.12 -19.95
CA ASN E 85 15.03 -37.46 -19.60
C ASN E 85 16.41 -37.82 -20.17
N HIS E 86 16.57 -37.66 -21.46
CA HIS E 86 17.87 -37.84 -22.06
C HIS E 86 18.97 -36.93 -21.40
N ILE E 87 18.74 -35.59 -21.28
CA ILE E 87 19.82 -34.72 -20.74
C ILE E 87 20.22 -35.18 -19.36
N ARG E 88 19.32 -35.82 -18.65
CA ARG E 88 19.59 -36.16 -17.28
C ARG E 88 20.34 -37.40 -17.20
N GLU E 89 20.09 -38.30 -18.17
CA GLU E 89 20.81 -39.55 -18.22
C GLU E 89 22.20 -39.14 -18.62
N ILE E 90 22.32 -38.19 -19.54
CA ILE E 90 23.66 -37.66 -19.85
C ILE E 90 24.40 -37.10 -18.62
N PHE E 91 23.75 -36.37 -17.72
CA PHE E 91 24.46 -35.90 -16.52
C PHE E 91 24.91 -37.10 -15.71
N SER E 92 24.04 -38.10 -15.68
CA SER E 92 24.31 -39.22 -14.81
C SER E 92 25.66 -39.85 -15.14
N ARG E 93 26.07 -39.82 -16.39
CA ARG E 93 27.39 -40.35 -16.79
C ARG E 93 28.53 -39.70 -16.13
N TYR E 94 28.35 -38.53 -15.53
CA TYR E 94 29.49 -37.81 -15.00
C TYR E 94 29.42 -37.66 -13.50
N THR E 95 28.22 -37.67 -12.94
CA THR E 95 28.07 -37.62 -11.50
C THR E 95 26.69 -38.11 -11.11
N SER E 96 26.55 -38.47 -9.85
CA SER E 96 25.29 -38.86 -9.34
C SER E 96 24.71 -37.63 -8.68
N ARG E 97 25.58 -36.72 -8.23
CA ARG E 97 25.20 -35.43 -7.55
C ARG E 97 24.50 -34.47 -8.52
N ILE E 98 23.20 -34.69 -8.74
CA ILE E 98 22.43 -33.99 -9.77
C ILE E 98 21.15 -33.45 -9.18
N GLU E 99 20.87 -32.17 -9.36
CA GLU E 99 19.68 -31.61 -8.78
C GLU E 99 18.96 -30.78 -9.83
N PRO E 100 17.93 -31.37 -10.46
CA PRO E 100 17.20 -30.77 -11.53
C PRO E 100 16.33 -29.75 -10.92
N LEU E 101 16.10 -28.63 -11.62
CA LEU E 101 15.31 -27.53 -11.10
C LEU E 101 14.07 -27.37 -11.94
N SER E 102 14.02 -28.09 -13.04
CA SER E 102 12.93 -27.98 -13.94
C SER E 102 13.27 -28.95 -15.06
N LEU E 103 12.48 -29.03 -16.11
CA LEU E 103 12.85 -29.97 -17.17
C LEU E 103 14.24 -29.65 -17.75
N ASP E 104 14.60 -28.37 -17.87
CA ASP E 104 15.76 -28.01 -18.71
C ASP E 104 17.02 -27.63 -17.95
N GLU E 105 17.01 -27.76 -16.62
CA GLU E 105 18.08 -27.20 -15.80
C GLU E 105 18.45 -28.19 -14.75
N ALA E 106 19.73 -28.20 -14.36
CA ALA E 106 20.23 -29.04 -13.28
C ALA E 106 21.50 -28.45 -12.71
N TYR E 107 21.69 -28.56 -11.41
CA TYR E 107 22.99 -28.36 -10.80
C TYR E 107 23.69 -29.71 -10.74
N LEU E 108 24.99 -29.72 -11.00
CA LEU E 108 25.85 -30.83 -10.75
C LEU E 108 26.94 -30.36 -9.77
N ASP E 109 27.12 -31.03 -8.63
CA ASP E 109 28.39 -31.00 -7.87
C ASP E 109 29.36 -32.03 -8.46
N VAL E 110 30.52 -31.54 -8.90
CA VAL E 110 31.51 -32.36 -9.60
C VAL E 110 32.87 -32.35 -8.90
N THR E 111 32.97 -31.61 -7.78
CA THR E 111 34.10 -31.72 -6.86
C THR E 111 34.79 -33.10 -6.88
N ASP E 112 34.10 -34.11 -6.42
CA ASP E 112 34.72 -35.41 -6.35
C ASP E 112 34.55 -36.15 -7.68
N SER E 113 34.78 -35.46 -8.79
CA SER E 113 34.80 -36.17 -10.04
C SER E 113 36.22 -36.35 -10.51
N VAL E 114 36.39 -37.44 -11.28
CA VAL E 114 37.66 -37.94 -11.79
C VAL E 114 37.60 -37.90 -13.32
N HIS E 115 36.63 -37.15 -13.85
CA HIS E 115 36.29 -37.23 -15.26
C HIS E 115 37.14 -36.46 -16.27
N CYS E 116 37.49 -35.23 -15.97
CA CYS E 116 38.32 -34.53 -16.92
C CYS E 116 39.43 -33.86 -16.16
N HIS E 117 40.30 -34.69 -15.59
CA HIS E 117 41.44 -34.28 -14.74
C HIS E 117 40.96 -33.33 -13.65
N GLY E 118 39.69 -33.50 -13.29
CA GLY E 118 38.99 -32.69 -12.28
C GLY E 118 38.69 -31.27 -12.72
N SER E 119 38.70 -31.05 -14.03
CA SER E 119 38.42 -29.76 -14.60
C SER E 119 36.93 -29.56 -14.85
N ALA E 120 36.33 -28.77 -13.96
CA ALA E 120 34.93 -28.39 -14.07
C ALA E 120 34.62 -27.87 -15.48
N THR E 121 35.39 -26.85 -15.89
CA THR E 121 35.35 -26.30 -17.24
C THR E 121 35.28 -27.38 -18.30
N LEU E 122 36.11 -28.41 -18.21
CA LEU E 122 36.16 -29.38 -19.31
C LEU E 122 34.95 -30.25 -19.25
N ILE E 123 34.49 -30.48 -18.03
CA ILE E 123 33.28 -31.24 -17.83
C ILE E 123 32.04 -30.56 -18.45
N ALA E 124 31.80 -29.29 -18.09
CA ALA E 124 30.68 -28.58 -18.66
C ALA E 124 30.71 -28.65 -20.19
N GLN E 125 31.83 -28.25 -20.79
CA GLN E 125 32.12 -28.40 -22.23
C GLN E 125 31.79 -29.83 -22.78
N GLU E 126 32.09 -30.85 -22.00
CA GLU E 126 31.92 -32.20 -22.50
C GLU E 126 30.45 -32.55 -22.51
N ILE E 127 29.70 -31.95 -21.59
CA ILE E 127 28.26 -32.18 -21.48
C ILE E 127 27.51 -31.33 -22.50
N ARG E 128 27.93 -30.07 -22.71
CA ARG E 128 27.32 -29.26 -23.78
C ARG E 128 27.56 -29.97 -25.17
N GLN E 129 28.80 -30.35 -25.48
CA GLN E 129 29.00 -31.37 -26.50
C GLN E 129 28.40 -32.63 -25.91
N THR E 130 27.89 -33.53 -26.75
CA THR E 130 27.14 -34.74 -26.32
C THR E 130 25.68 -34.46 -26.04
N ILE E 131 25.35 -33.26 -25.56
CA ILE E 131 23.96 -32.86 -25.62
C ILE E 131 23.63 -32.41 -27.04
N PHE E 132 24.52 -31.65 -27.66
CA PHE E 132 24.37 -31.30 -29.08
C PHE E 132 24.37 -32.56 -29.99
N ASN E 133 25.46 -33.30 -30.01
CA ASN E 133 25.44 -34.65 -30.55
C ASN E 133 24.41 -35.33 -29.68
N GLU E 134 23.60 -36.21 -30.24
CA GLU E 134 22.57 -36.92 -29.42
C GLU E 134 21.24 -36.21 -29.33
N LEU E 135 21.20 -34.91 -29.09
CA LEU E 135 19.87 -34.29 -29.11
C LEU E 135 19.63 -33.27 -30.23
N GLN E 136 20.71 -32.87 -30.91
CA GLN E 136 20.68 -31.74 -31.86
C GLN E 136 20.15 -30.50 -31.12
N LEU E 137 20.70 -30.22 -29.94
CA LEU E 137 20.12 -29.22 -29.03
C LEU E 137 21.20 -28.56 -28.20
N THR E 138 21.26 -27.25 -28.21
CA THR E 138 22.38 -26.63 -27.49
C THR E 138 21.99 -26.33 -26.06
N ALA E 139 23.02 -26.19 -25.23
CA ALA E 139 22.88 -25.93 -23.80
C ALA E 139 23.95 -24.95 -23.37
N SER E 140 23.74 -24.21 -22.28
CA SER E 140 24.76 -23.26 -21.81
C SER E 140 25.12 -23.69 -20.41
N ALA E 141 26.33 -23.36 -19.95
CA ALA E 141 26.65 -23.73 -18.63
C ALA E 141 27.28 -22.61 -17.78
N GLY E 142 27.21 -22.79 -16.47
CA GLY E 142 27.86 -21.86 -15.59
C GLY E 142 28.69 -22.73 -14.70
N VAL E 143 29.90 -22.28 -14.38
CA VAL E 143 30.71 -22.93 -13.35
C VAL E 143 31.17 -22.02 -12.23
N ALA E 144 31.17 -22.51 -10.99
CA ALA E 144 31.39 -21.64 -9.82
C ALA E 144 31.48 -22.37 -8.49
N PRO E 145 31.85 -21.65 -7.42
CA PRO E 145 31.99 -22.48 -6.21
C PRO E 145 30.70 -22.65 -5.41
N VAL E 146 29.60 -22.15 -5.95
CA VAL E 146 28.36 -22.18 -5.21
C VAL E 146 27.23 -22.16 -6.20
N LYS E 147 26.03 -22.45 -5.73
CA LYS E 147 24.86 -22.65 -6.57
C LYS E 147 24.49 -21.42 -7.33
N PHE E 148 24.39 -20.28 -6.65
CA PHE E 148 23.81 -19.12 -7.29
C PHE E 148 24.72 -18.46 -8.31
N LEU E 149 26.03 -18.55 -8.08
CA LEU E 149 27.00 -17.99 -8.98
C LEU E 149 27.08 -18.87 -10.17
N ALA E 150 26.97 -20.21 -10.03
CA ALA E 150 26.95 -21.01 -11.26
C ALA E 150 25.69 -20.66 -12.00
N LYS E 151 24.67 -20.18 -11.28
CA LYS E 151 23.39 -19.95 -11.94
C LYS E 151 23.52 -18.75 -12.87
N ILE E 152 23.95 -17.63 -12.23
CA ILE E 152 24.19 -16.41 -12.93
C ILE E 152 25.20 -16.61 -14.07
N ALA E 153 26.30 -17.25 -13.79
CA ALA E 153 27.24 -17.66 -14.84
C ALA E 153 26.65 -18.40 -16.05
N SER E 154 25.54 -19.09 -15.90
CA SER E 154 25.12 -19.85 -17.08
C SER E 154 24.33 -18.99 -18.06
N ASP E 155 24.06 -17.77 -17.68
CA ASP E 155 23.29 -16.88 -18.53
C ASP E 155 24.25 -16.00 -19.32
N MET E 156 25.42 -15.79 -18.75
CA MET E 156 26.38 -14.84 -19.26
C MET E 156 26.95 -15.07 -20.64
N ASN E 157 26.90 -16.29 -21.13
CA ASN E 157 27.38 -16.55 -22.42
C ASN E 157 26.40 -17.40 -23.18
N LYS E 158 25.12 -17.17 -22.96
CA LYS E 158 24.17 -17.93 -23.72
C LYS E 158 23.76 -17.17 -24.99
N PRO E 159 23.41 -17.88 -26.08
CA PRO E 159 23.27 -19.32 -26.25
C PRO E 159 24.53 -20.06 -26.55
N ASN E 160 24.46 -21.37 -26.28
CA ASN E 160 25.49 -22.29 -26.68
C ASN E 160 26.87 -21.85 -26.24
N GLY E 161 26.95 -21.20 -25.08
CA GLY E 161 28.23 -20.97 -24.43
C GLY E 161 28.33 -21.47 -23.00
N GLN E 162 29.47 -21.21 -22.36
CA GLN E 162 29.58 -21.38 -20.92
C GLN E 162 30.45 -20.30 -20.25
N PHE E 163 30.47 -20.21 -18.94
CA PHE E 163 31.26 -19.18 -18.32
C PHE E 163 31.72 -19.66 -16.97
N VAL E 164 32.98 -19.43 -16.62
CA VAL E 164 33.52 -19.88 -15.33
C VAL E 164 33.82 -18.72 -14.37
N ILE E 165 33.55 -18.92 -13.09
CA ILE E 165 33.95 -17.97 -12.06
C ILE E 165 34.77 -18.71 -11.02
N THR E 166 36.06 -18.38 -10.90
CA THR E 166 36.87 -18.87 -9.78
C THR E 166 36.73 -18.06 -8.50
N PRO E 167 37.24 -18.64 -7.38
CA PRO E 167 37.03 -17.98 -6.08
C PRO E 167 37.79 -16.70 -6.11
N ALA E 168 38.82 -16.68 -6.93
CA ALA E 168 39.65 -15.50 -7.09
C ALA E 168 38.83 -14.35 -7.67
N GLU E 169 38.15 -14.64 -8.78
CA GLU E 169 37.27 -13.66 -9.42
C GLU E 169 36.01 -13.22 -8.62
N VAL E 170 35.57 -14.02 -7.65
CA VAL E 170 34.27 -13.78 -7.00
C VAL E 170 34.14 -12.35 -6.46
N PRO E 171 35.09 -11.88 -5.65
CA PRO E 171 34.75 -10.60 -5.02
C PRO E 171 34.58 -9.50 -6.06
N ALA E 172 35.34 -9.60 -7.16
CA ALA E 172 35.27 -8.58 -8.21
C ALA E 172 33.84 -8.59 -8.80
N PHE E 173 33.54 -9.72 -9.39
CA PHE E 173 32.20 -10.09 -9.75
C PHE E 173 31.05 -9.68 -8.83
N LEU E 174 31.13 -9.86 -7.52
CA LEU E 174 29.93 -9.42 -6.76
C LEU E 174 29.75 -7.90 -6.60
N GLN E 175 30.78 -7.13 -6.91
CA GLN E 175 30.85 -5.72 -6.52
C GLN E 175 29.83 -4.92 -7.28
N THR E 176 29.73 -5.21 -8.57
CA THR E 176 28.83 -4.46 -9.44
C THR E 176 27.56 -5.25 -9.75
N LEU E 177 27.45 -6.45 -9.19
CA LEU E 177 26.33 -7.34 -9.45
C LEU E 177 25.03 -6.80 -8.81
N PRO E 178 24.02 -6.60 -9.65
CA PRO E 178 22.73 -6.07 -9.22
C PRO E 178 21.94 -7.10 -8.43
N LEU E 179 21.45 -6.71 -7.25
CA LEU E 179 20.70 -7.64 -6.42
C LEU E 179 19.66 -8.49 -7.23
N ALA E 180 19.11 -7.91 -8.29
CA ALA E 180 17.98 -8.51 -8.99
C ALA E 180 18.40 -9.75 -9.75
N LYS E 181 19.69 -9.88 -10.00
CA LYS E 181 20.20 -11.02 -10.69
C LYS E 181 20.29 -12.22 -9.74
N ILE E 182 20.08 -11.98 -8.45
CA ILE E 182 20.11 -13.07 -7.53
C ILE E 182 18.78 -13.78 -7.47
N PRO E 183 18.78 -15.11 -7.71
CA PRO E 183 17.56 -15.93 -7.63
C PRO E 183 16.85 -15.74 -6.31
N GLY E 184 15.55 -15.43 -6.37
CA GLY E 184 14.80 -15.14 -5.15
C GLY E 184 14.51 -13.68 -4.93
N VAL E 185 15.17 -12.81 -5.68
CA VAL E 185 14.87 -11.37 -5.72
C VAL E 185 14.31 -11.05 -7.07
N GLY E 186 13.00 -10.87 -7.14
CA GLY E 186 12.31 -10.31 -8.30
C GLY E 186 11.87 -8.85 -8.13
N LYS E 187 10.84 -8.46 -8.87
CA LYS E 187 10.33 -7.09 -8.94
C LYS E 187 10.12 -6.53 -7.57
N VAL E 188 9.21 -7.11 -6.82
CA VAL E 188 8.76 -6.47 -5.59
C VAL E 188 9.93 -6.14 -4.71
N SER E 189 10.67 -7.17 -4.31
CA SER E 189 11.92 -7.02 -3.55
C SER E 189 12.92 -6.07 -4.12
N ALA E 190 13.19 -6.13 -5.42
CA ALA E 190 14.22 -5.25 -5.96
C ALA E 190 13.84 -3.80 -5.72
N ALA E 191 12.53 -3.58 -5.78
CA ALA E 191 11.96 -2.29 -5.72
C ALA E 191 12.11 -1.80 -4.28
N LYS E 192 12.05 -2.70 -3.31
CA LYS E 192 12.21 -2.26 -1.92
C LYS E 192 13.64 -1.89 -1.73
N LEU E 193 14.53 -2.76 -2.18
CA LEU E 193 15.95 -2.57 -1.97
C LEU E 193 16.33 -1.23 -2.55
N GLU E 194 16.19 -1.09 -3.86
CA GLU E 194 16.34 0.23 -4.52
C GLU E 194 15.84 1.40 -3.64
N ALA E 195 14.61 1.31 -3.16
CA ALA E 195 13.98 2.40 -2.47
C ALA E 195 14.70 2.73 -1.20
N MET E 196 15.69 1.94 -0.82
CA MET E 196 16.50 2.29 0.33
C MET E 196 17.97 2.35 -0.05
N GLY E 197 18.22 2.65 -1.32
CA GLY E 197 19.58 2.80 -1.87
C GLY E 197 20.35 1.52 -2.19
N LEU E 198 19.70 0.37 -2.14
CA LEU E 198 20.44 -0.86 -2.34
C LEU E 198 20.14 -1.40 -3.72
N ARG E 199 21.18 -1.51 -4.56
CA ARG E 199 21.01 -1.93 -5.93
C ARG E 199 21.95 -3.03 -6.28
N THR E 200 23.17 -3.01 -5.73
CA THR E 200 24.17 -4.07 -5.99
C THR E 200 24.59 -4.84 -4.73
N CYS E 201 25.18 -6.00 -4.92
CA CYS E 201 25.74 -6.72 -3.80
C CYS E 201 26.72 -5.81 -3.10
N GLY E 202 27.66 -5.27 -3.86
CA GLY E 202 28.44 -4.13 -3.41
C GLY E 202 27.73 -3.35 -2.32
N ASP E 203 26.56 -2.79 -2.61
CA ASP E 203 25.86 -1.92 -1.64
C ASP E 203 25.42 -2.65 -0.39
N VAL E 204 25.22 -3.96 -0.47
CA VAL E 204 24.71 -4.72 0.68
C VAL E 204 25.87 -5.10 1.59
N GLN E 205 27.05 -5.21 1.00
CA GLN E 205 28.24 -5.47 1.80
C GLN E 205 28.45 -4.33 2.81
N ALA E 206 28.13 -3.09 2.45
CA ALA E 206 28.26 -1.98 3.37
C ALA E 206 27.13 -1.98 4.34
N CYS E 207 26.43 -3.11 4.46
CA CYS E 207 25.17 -3.14 5.22
C CYS E 207 25.16 -3.84 6.56
N ASP E 208 24.39 -3.29 7.51
CA ASP E 208 24.22 -3.96 8.78
C ASP E 208 23.15 -5.08 8.75
N LEU E 209 23.65 -6.31 8.88
CA LEU E 209 22.86 -7.52 9.04
C LEU E 209 21.69 -7.37 9.98
N VAL E 210 21.88 -6.64 11.07
CA VAL E 210 20.81 -6.52 12.06
C VAL E 210 19.63 -5.83 11.41
N MET E 211 19.92 -4.86 10.57
CA MET E 211 18.86 -4.11 9.96
C MET E 211 18.23 -4.97 8.89
N LEU E 212 19.05 -5.53 8.01
CA LEU E 212 18.51 -6.44 6.98
C LEU E 212 17.57 -7.45 7.59
N LEU E 213 17.87 -7.88 8.80
CA LEU E 213 16.96 -8.78 9.49
C LEU E 213 15.68 -8.08 9.93
N LYS E 214 15.78 -6.90 10.54
CA LYS E 214 14.58 -6.13 10.96
C LYS E 214 13.54 -6.04 9.85
N ARG E 215 13.96 -5.72 8.63
CA ARG E 215 12.99 -5.46 7.56
C ARG E 215 12.79 -6.50 6.47
N PHE E 216 13.53 -7.61 6.44
CA PHE E 216 13.16 -8.71 5.52
C PHE E 216 13.11 -10.11 6.16
N GLY E 217 13.57 -10.21 7.42
CA GLY E 217 13.77 -11.50 8.10
C GLY E 217 14.73 -12.51 7.42
N LYS E 218 14.30 -13.76 7.37
CA LYS E 218 15.15 -14.80 6.79
C LYS E 218 15.68 -14.39 5.41
N PHE E 219 14.88 -13.64 4.66
CA PHE E 219 15.32 -13.06 3.40
C PHE E 219 16.50 -12.09 3.54
N GLY E 220 16.51 -11.20 4.53
CA GLY E 220 17.69 -10.35 4.80
C GLY E 220 18.97 -11.21 4.94
N ARG E 221 18.91 -12.21 5.80
CA ARG E 221 20.06 -13.07 5.92
C ARG E 221 20.45 -13.67 4.57
N ILE E 222 19.52 -14.07 3.72
CA ILE E 222 19.94 -14.61 2.44
C ILE E 222 20.68 -13.53 1.62
N LEU E 223 19.99 -12.45 1.37
CA LEU E 223 20.53 -11.31 0.72
C LEU E 223 21.94 -11.05 1.21
N TRP E 224 22.08 -10.61 2.46
CA TRP E 224 23.40 -10.46 3.10
C TRP E 224 24.47 -11.52 2.80
N GLU E 225 24.11 -12.79 2.76
CA GLU E 225 25.11 -13.81 2.59
C GLU E 225 25.50 -13.88 1.16
N ARG E 226 24.49 -13.83 0.31
CA ARG E 226 24.68 -13.95 -1.12
C ARG E 226 25.56 -12.80 -1.65
N SER E 227 25.30 -11.58 -1.18
CA SER E 227 26.18 -10.43 -1.39
C SER E 227 27.66 -10.69 -1.09
N GLN E 228 27.96 -11.68 -0.29
CA GLN E 228 29.30 -11.89 0.19
C GLN E 228 29.73 -13.10 -0.57
N GLY E 229 28.85 -13.61 -1.42
CA GLY E 229 29.20 -14.78 -2.20
C GLY E 229 29.07 -16.05 -1.38
N ILE E 230 28.44 -15.95 -0.21
CA ILE E 230 28.22 -17.10 0.63
C ILE E 230 26.93 -17.80 0.25
N ASP E 231 27.01 -19.10 -0.03
CA ASP E 231 25.84 -19.91 -0.37
C ASP E 231 26.09 -21.37 -0.02
N GLU E 232 25.62 -21.81 1.16
CA GLU E 232 25.97 -23.13 1.67
C GLU E 232 25.12 -24.31 1.16
N ARG E 233 24.08 -24.02 0.39
CA ARG E 233 23.13 -25.04 -0.10
C ARG E 233 23.78 -26.13 -0.93
N ASP E 234 23.59 -27.38 -0.53
CA ASP E 234 24.21 -28.52 -1.18
C ASP E 234 23.36 -28.97 -2.36
N VAL E 235 24.00 -29.46 -3.40
CA VAL E 235 23.28 -30.21 -4.42
C VAL E 235 22.80 -31.50 -3.77
N ASN E 236 21.51 -31.81 -3.84
CA ASN E 236 20.97 -32.92 -3.03
C ASN E 236 20.57 -34.18 -3.78
N SER E 237 19.87 -34.02 -4.91
CA SER E 237 19.37 -35.13 -5.72
C SER E 237 18.19 -35.90 -5.14
N GLU E 238 17.74 -35.54 -3.95
CA GLU E 238 16.71 -36.34 -3.28
C GLU E 238 15.29 -35.75 -3.22
N ARG E 239 15.04 -34.64 -3.91
CA ARG E 239 13.81 -33.87 -3.74
C ARG E 239 12.63 -34.45 -4.46
N LEU E 240 11.45 -34.35 -3.86
CA LEU E 240 10.23 -34.88 -4.44
C LEU E 240 9.15 -33.86 -4.47
N ARG E 241 8.31 -34.00 -5.48
CA ARG E 241 7.15 -33.20 -5.64
C ARG E 241 6.31 -33.31 -4.36
N LYS E 242 5.84 -32.16 -3.86
CA LYS E 242 5.03 -32.10 -2.65
C LYS E 242 3.57 -31.94 -2.97
N SER E 243 3.23 -31.42 -4.13
CA SER E 243 1.83 -31.19 -4.40
C SER E 243 1.52 -31.43 -5.85
N VAL E 244 0.26 -31.40 -6.26
CA VAL E 244 -0.02 -31.25 -7.67
C VAL E 244 -1.31 -30.48 -7.87
N GLY E 245 -1.41 -29.71 -8.92
CA GLY E 245 -2.69 -29.14 -9.19
C GLY E 245 -2.97 -28.94 -10.66
N VAL E 246 -4.21 -28.52 -10.97
CA VAL E 246 -4.64 -28.32 -12.33
C VAL E 246 -5.57 -27.15 -12.38
N GLU E 247 -5.33 -26.23 -13.30
CA GLU E 247 -6.12 -24.98 -13.39
C GLU E 247 -6.34 -24.59 -14.80
N ARG E 248 -7.42 -23.83 -15.02
CA ARG E 248 -7.77 -23.39 -16.36
C ARG E 248 -8.32 -21.99 -16.33
N THR E 249 -8.08 -21.29 -17.43
CA THR E 249 -8.41 -19.88 -17.61
C THR E 249 -9.35 -19.80 -18.81
N MET E 250 -10.56 -19.29 -18.56
CA MET E 250 -11.56 -19.22 -19.62
C MET E 250 -11.27 -18.15 -20.65
N ALA E 251 -11.73 -18.35 -21.89
CA ALA E 251 -11.60 -17.30 -22.88
C ALA E 251 -12.46 -16.07 -22.50
N GLU E 252 -13.64 -16.30 -21.91
CA GLU E 252 -14.43 -15.20 -21.31
C GLU E 252 -14.79 -15.54 -19.88
N ASP E 253 -14.95 -14.52 -19.05
CA ASP E 253 -15.15 -14.80 -17.67
C ASP E 253 -16.49 -15.45 -17.54
N ILE E 254 -16.70 -16.13 -16.43
CA ILE E 254 -17.94 -16.83 -16.22
C ILE E 254 -18.62 -16.19 -15.04
N HIS E 255 -19.97 -16.13 -15.06
CA HIS E 255 -20.68 -15.42 -13.99
C HIS E 255 -21.63 -16.31 -13.25
N HIS E 256 -22.02 -17.42 -13.88
CA HIS E 256 -22.90 -18.44 -13.28
C HIS E 256 -22.19 -19.71 -12.83
N TRP E 257 -22.51 -20.12 -11.59
CA TRP E 257 -22.04 -21.38 -11.04
C TRP E 257 -22.27 -22.62 -11.96
N SER E 258 -23.36 -22.66 -12.70
CA SER E 258 -23.60 -23.78 -13.58
C SER E 258 -22.36 -23.98 -14.45
N GLU E 259 -21.80 -22.87 -14.94
CA GLU E 259 -20.62 -22.89 -15.81
C GLU E 259 -19.41 -23.33 -15.01
N CYS E 260 -19.32 -22.85 -13.76
CA CYS E 260 -18.14 -23.13 -12.98
C CYS E 260 -18.05 -24.64 -12.75
N GLU E 261 -19.17 -25.22 -12.44
CA GLU E 261 -19.34 -26.64 -12.24
C GLU E 261 -18.97 -27.44 -13.48
N ALA E 262 -19.43 -26.96 -14.62
CA ALA E 262 -19.09 -27.55 -15.89
C ALA E 262 -17.57 -27.68 -16.02
N ILE E 263 -16.87 -26.61 -15.67
CA ILE E 263 -15.41 -26.53 -15.74
C ILE E 263 -14.83 -27.57 -14.81
N ILE E 264 -15.29 -27.61 -13.57
CA ILE E 264 -14.66 -28.51 -12.63
C ILE E 264 -14.81 -29.94 -13.08
N GLU E 265 -15.92 -30.25 -13.72
CA GLU E 265 -16.20 -31.59 -14.18
C GLU E 265 -15.06 -31.97 -15.10
N ARG E 266 -14.75 -31.07 -16.02
CA ARG E 266 -13.73 -31.29 -17.02
C ARG E 266 -12.31 -31.44 -16.47
N LEU E 267 -12.03 -30.75 -15.35
CA LEU E 267 -10.74 -30.75 -14.62
C LEU E 267 -10.50 -31.97 -13.76
N TYR E 268 -11.53 -32.55 -13.18
CA TYR E 268 -11.21 -33.61 -12.20
C TYR E 268 -10.51 -34.86 -12.84
N PRO E 269 -11.05 -35.40 -13.96
CA PRO E 269 -10.38 -36.52 -14.60
C PRO E 269 -8.88 -36.23 -14.75
N GLU E 270 -8.59 -35.03 -15.26
CA GLU E 270 -7.21 -34.67 -15.48
C GLU E 270 -6.42 -34.74 -14.20
N LEU E 271 -6.99 -34.35 -13.08
CA LEU E 271 -6.18 -34.25 -11.87
C LEU E 271 -6.11 -35.61 -11.20
N GLU E 272 -7.17 -36.39 -11.40
CA GLU E 272 -7.12 -37.85 -11.13
C GLU E 272 -5.99 -38.59 -11.88
N ARG E 273 -5.94 -38.43 -13.19
CA ARG E 273 -4.94 -39.14 -13.99
C ARG E 273 -3.55 -38.78 -13.56
N ARG E 274 -3.33 -37.51 -13.19
CA ARG E 274 -1.94 -37.12 -12.92
C ARG E 274 -1.51 -37.66 -11.62
N LEU E 275 -2.47 -37.92 -10.76
CA LEU E 275 -2.11 -38.17 -9.40
C LEU E 275 -1.91 -39.65 -9.32
N ALA E 276 -2.78 -40.40 -10.00
CA ALA E 276 -2.57 -41.84 -10.19
C ALA E 276 -1.14 -42.14 -10.61
N LYS E 277 -0.64 -41.46 -11.65
CA LYS E 277 0.75 -41.63 -12.06
C LYS E 277 1.72 -41.83 -10.89
N VAL E 278 1.48 -41.10 -9.80
CA VAL E 278 2.41 -41.01 -8.67
C VAL E 278 1.82 -41.61 -7.38
N LYS E 279 0.56 -42.04 -7.42
CA LYS E 279 -0.13 -42.53 -6.22
C LYS E 279 -1.42 -43.22 -6.59
N PRO E 280 -1.32 -44.49 -7.05
CA PRO E 280 -2.45 -45.25 -7.59
C PRO E 280 -3.65 -45.30 -6.66
N ASP E 281 -3.41 -45.48 -5.37
CA ASP E 281 -4.51 -45.50 -4.37
C ASP E 281 -5.25 -44.16 -4.27
N LEU E 282 -4.60 -43.11 -4.75
CA LEU E 282 -5.16 -41.79 -4.73
C LEU E 282 -5.12 -41.16 -3.33
N LEU E 283 -4.24 -41.64 -2.48
CA LEU E 283 -4.09 -41.17 -1.12
C LEU E 283 -3.35 -39.84 -0.90
N ILE E 284 -4.07 -38.82 -0.48
CA ILE E 284 -3.46 -37.48 -0.32
C ILE E 284 -3.54 -36.93 1.08
N ALA E 285 -2.73 -35.92 1.36
CA ALA E 285 -2.80 -35.23 2.67
C ALA E 285 -3.89 -34.18 2.76
N ARG E 286 -4.10 -33.38 1.71
CA ARG E 286 -5.20 -32.37 1.67
C ARG E 286 -5.61 -32.20 0.20
N GLN E 287 -6.88 -31.91 -0.08
CA GLN E 287 -7.30 -31.34 -1.37
C GLN E 287 -8.02 -29.99 -1.15
N GLY E 288 -8.23 -29.25 -2.23
CA GLY E 288 -8.87 -27.97 -2.18
C GLY E 288 -8.96 -27.35 -3.57
N VAL E 289 -9.53 -26.15 -3.66
CA VAL E 289 -9.72 -25.47 -4.95
C VAL E 289 -9.24 -24.01 -4.96
N LYS E 290 -9.34 -23.40 -6.13
CA LYS E 290 -8.71 -22.17 -6.41
C LYS E 290 -9.59 -21.41 -7.38
N LEU E 291 -9.93 -20.17 -6.99
CA LEU E 291 -10.60 -19.24 -7.90
C LEU E 291 -9.87 -17.93 -8.00
N LYS E 292 -9.94 -17.30 -9.15
CA LYS E 292 -9.29 -16.05 -9.36
C LYS E 292 -10.22 -15.19 -10.19
N PHE E 293 -10.62 -14.08 -9.57
CA PHE E 293 -11.65 -13.30 -10.14
C PHE E 293 -11.24 -12.32 -11.23
N ASP E 294 -12.13 -11.36 -11.48
CA ASP E 294 -11.87 -10.30 -12.43
C ASP E 294 -10.93 -9.22 -11.90
N ASP E 295 -11.03 -8.95 -10.60
CA ASP E 295 -10.12 -8.01 -9.97
C ASP E 295 -8.83 -8.76 -9.68
N PHE E 296 -8.62 -9.84 -10.43
CA PHE E 296 -7.47 -10.69 -10.32
C PHE E 296 -7.05 -11.13 -8.95
N GLN E 297 -7.77 -10.78 -7.89
CA GLN E 297 -7.49 -11.35 -6.58
C GLN E 297 -7.67 -12.86 -6.81
N GLN E 298 -7.10 -13.68 -5.94
CA GLN E 298 -7.16 -15.11 -6.13
C GLN E 298 -7.40 -15.64 -4.77
N THR E 299 -8.17 -16.71 -4.66
CA THR E 299 -8.38 -17.31 -3.35
C THR E 299 -8.40 -18.79 -3.46
N THR E 300 -8.15 -19.44 -2.35
CA THR E 300 -8.00 -20.85 -2.35
C THR E 300 -8.58 -21.35 -1.06
N GLN E 301 -9.25 -22.48 -1.14
CA GLN E 301 -9.72 -23.12 0.06
C GLN E 301 -9.22 -24.53 0.00
N GLU E 302 -8.67 -24.97 1.10
CA GLU E 302 -8.03 -26.27 1.03
C GLU E 302 -8.01 -26.81 2.42
N HIS E 303 -8.50 -28.02 2.57
CA HIS E 303 -8.59 -28.64 3.88
C HIS E 303 -7.94 -30.03 3.85
N VAL E 304 -7.62 -30.51 5.04
CA VAL E 304 -7.21 -31.89 5.19
C VAL E 304 -8.26 -32.83 4.59
N TRP E 305 -7.80 -33.87 3.90
CA TRP E 305 -8.73 -34.83 3.29
C TRP E 305 -7.91 -36.05 2.91
N PRO E 306 -8.52 -37.22 2.94
CA PRO E 306 -7.65 -38.42 2.88
C PRO E 306 -7.47 -39.06 1.51
N ARG E 307 -8.44 -38.86 0.62
CA ARG E 307 -8.39 -39.43 -0.70
C ARG E 307 -9.10 -38.56 -1.72
N LEU E 308 -8.39 -38.10 -2.73
CA LEU E 308 -9.01 -37.33 -3.81
C LEU E 308 -10.49 -37.63 -3.94
N ASN E 309 -11.33 -36.60 -4.00
CA ASN E 309 -12.77 -36.76 -4.09
C ASN E 309 -13.48 -35.71 -4.91
N LYS E 310 -14.00 -36.12 -6.07
CA LYS E 310 -14.74 -35.17 -6.94
C LYS E 310 -15.85 -34.37 -6.28
N ALA E 311 -16.65 -34.97 -5.39
CA ALA E 311 -17.82 -34.23 -4.89
C ALA E 311 -17.35 -33.16 -3.93
N ASP E 312 -16.56 -33.59 -2.94
CA ASP E 312 -15.99 -32.64 -2.06
C ASP E 312 -15.38 -31.41 -2.77
N LEU E 313 -14.73 -31.63 -3.89
CA LEU E 313 -14.15 -30.51 -4.56
C LEU E 313 -15.25 -29.67 -5.12
N ILE E 314 -16.28 -30.27 -5.71
CA ILE E 314 -17.43 -29.46 -6.18
C ILE E 314 -18.14 -28.67 -5.03
N ALA E 315 -18.30 -29.34 -3.88
CA ALA E 315 -18.87 -28.80 -2.68
C ALA E 315 -18.15 -27.48 -2.33
N THR E 316 -16.93 -27.61 -1.84
CA THR E 316 -16.11 -26.51 -1.37
C THR E 316 -15.99 -25.47 -2.44
N ALA E 317 -15.98 -25.91 -3.68
CA ALA E 317 -16.00 -24.92 -4.76
C ALA E 317 -17.25 -24.05 -4.80
N ARG E 318 -18.39 -24.59 -4.38
CA ARG E 318 -19.62 -23.81 -4.34
C ARG E 318 -19.60 -22.85 -3.14
N LYS E 319 -19.20 -23.35 -1.94
CA LYS E 319 -18.98 -22.48 -0.77
C LYS E 319 -18.16 -21.28 -1.20
N THR E 320 -16.92 -21.53 -1.58
CA THR E 320 -16.06 -20.54 -2.22
C THR E 320 -16.86 -19.66 -3.15
N TRP E 321 -17.55 -20.25 -4.13
CA TRP E 321 -18.25 -19.47 -5.16
C TRP E 321 -19.28 -18.54 -4.55
N ASP E 322 -19.86 -18.95 -3.43
CA ASP E 322 -20.88 -18.14 -2.79
C ASP E 322 -20.13 -17.13 -1.93
N GLU E 323 -19.45 -17.67 -0.91
CA GLU E 323 -18.90 -16.87 0.19
C GLU E 323 -17.82 -15.86 -0.13
N ARG E 324 -17.34 -15.78 -1.38
CA ARG E 324 -16.29 -14.83 -1.73
C ARG E 324 -16.42 -14.73 -3.21
N ARG E 325 -16.66 -13.55 -3.71
CA ARG E 325 -16.82 -13.37 -5.13
C ARG E 325 -17.49 -12.05 -5.38
N GLY E 326 -18.56 -11.80 -4.59
CA GLY E 326 -19.47 -10.69 -4.76
C GLY E 326 -19.57 -10.16 -6.19
N GLY E 327 -20.06 -10.98 -7.10
CA GLY E 327 -20.40 -10.51 -8.44
C GLY E 327 -19.33 -10.16 -9.48
N ARG E 328 -18.05 -10.37 -9.16
CA ARG E 328 -16.98 -10.26 -10.18
C ARG E 328 -17.08 -11.45 -11.14
N GLY E 329 -16.66 -11.23 -12.39
CA GLY E 329 -16.38 -12.34 -13.29
C GLY E 329 -15.39 -13.30 -12.65
N VAL E 330 -15.20 -14.44 -13.29
CA VAL E 330 -14.26 -15.41 -12.74
C VAL E 330 -13.49 -15.86 -13.91
N ARG E 331 -12.16 -15.74 -13.82
CA ARG E 331 -11.34 -15.98 -15.00
C ARG E 331 -10.73 -17.39 -15.03
N LEU E 332 -10.63 -18.02 -13.86
CA LEU E 332 -10.01 -19.31 -13.76
C LEU E 332 -10.48 -20.04 -12.58
N VAL E 333 -10.63 -21.35 -12.80
CA VAL E 333 -10.89 -22.27 -11.70
C VAL E 333 -9.84 -23.33 -11.73
N GLY E 334 -9.44 -23.81 -10.56
CA GLY E 334 -8.38 -24.78 -10.52
C GLY E 334 -8.59 -25.67 -9.33
N LEU E 335 -8.01 -26.87 -9.40
CA LEU E 335 -8.09 -27.81 -8.27
C LEU E 335 -6.71 -28.14 -7.76
N HIS E 336 -6.62 -28.74 -6.60
CA HIS E 336 -5.31 -28.83 -6.00
C HIS E 336 -5.33 -29.92 -4.96
N VAL E 337 -4.16 -30.39 -4.56
CA VAL E 337 -4.05 -31.53 -3.68
C VAL E 337 -2.63 -31.48 -3.12
N THR E 338 -2.39 -31.98 -1.92
CA THR E 338 -1.09 -31.87 -1.27
C THR E 338 -0.73 -33.27 -0.85
N LEU E 339 0.45 -33.72 -1.23
CA LEU E 339 0.74 -35.14 -1.20
C LEU E 339 1.07 -35.50 0.21
N LEU E 340 0.93 -36.78 0.50
CA LEU E 340 1.29 -37.30 1.80
C LEU E 340 2.71 -36.89 2.11
N ASP E 341 3.05 -36.93 3.39
CA ASP E 341 4.27 -36.36 3.92
C ASP E 341 5.56 -37.13 3.68
N PRO E 342 5.51 -38.39 3.17
CA PRO E 342 6.83 -39.03 3.22
C PRO E 342 7.74 -38.45 2.12
N GLY F 1 -15.98 35.71 40.64
CA GLY F 1 -17.38 35.22 40.29
C GLY F 1 -17.48 34.84 38.83
N SER F 2 -17.92 35.78 37.99
CA SER F 2 -17.92 35.61 36.53
C SER F 2 -16.48 35.47 36.03
N ARG F 3 -16.33 34.65 34.99
CA ARG F 3 -15.03 34.39 34.40
C ARG F 3 -14.65 35.43 33.34
N LYS F 4 -13.35 35.57 33.10
CA LYS F 4 -12.86 36.21 31.89
C LYS F 4 -12.15 35.13 31.08
N ILE F 5 -12.69 34.85 29.90
CA ILE F 5 -12.10 33.90 28.97
C ILE F 5 -11.75 34.67 27.72
N ILE F 6 -10.51 34.57 27.29
CA ILE F 6 -10.18 35.09 25.96
C ILE F 6 -9.97 33.94 24.91
N HIS F 7 -10.38 34.16 23.67
CA HIS F 7 -10.13 33.19 22.58
C HIS F 7 -9.27 33.88 21.55
N VAL F 8 -8.09 33.35 21.30
CA VAL F 8 -7.16 33.99 20.37
C VAL F 8 -7.11 33.16 19.11
N ASP F 9 -7.21 33.80 17.94
CA ASP F 9 -7.25 33.10 16.66
C ASP F 9 -6.36 33.79 15.63
N MET F 10 -5.32 33.08 15.21
CA MET F 10 -4.49 33.55 14.12
C MET F 10 -5.30 33.82 12.87
N ASP F 11 -4.94 34.93 12.22
CA ASP F 11 -5.57 35.34 10.98
C ASP F 11 -4.88 34.65 9.83
N CYS F 12 -5.67 34.00 8.97
CA CYS F 12 -5.19 33.37 7.74
C CYS F 12 -3.96 32.55 7.95
N PHE F 13 -4.03 31.64 8.90
CA PHE F 13 -2.80 31.05 9.43
C PHE F 13 -1.75 30.57 8.41
N PHE F 14 -2.09 29.70 7.47
CA PHE F 14 -1.04 29.19 6.59
C PHE F 14 -0.61 30.27 5.62
N ALA F 15 -1.56 31.00 5.04
CA ALA F 15 -1.18 32.08 4.09
C ALA F 15 -0.29 33.15 4.75
N ALA F 16 -0.58 33.44 6.02
CA ALA F 16 0.14 34.44 6.78
C ALA F 16 1.59 34.03 7.00
N VAL F 17 1.82 32.73 7.23
CA VAL F 17 3.18 32.23 7.45
C VAL F 17 3.91 32.17 6.12
N GLU F 18 3.21 31.86 5.04
CA GLU F 18 3.83 31.88 3.72
C GLU F 18 4.12 33.31 3.32
N MET F 19 3.23 34.24 3.66
CA MET F 19 3.38 35.64 3.28
C MET F 19 4.56 36.33 3.95
N ARG F 20 4.83 35.90 5.18
CA ARG F 20 5.92 36.43 5.95
C ARG F 20 7.18 35.95 5.28
N ASP F 21 7.24 34.65 5.00
CA ASP F 21 8.44 34.01 4.45
C ASP F 21 8.73 34.26 2.97
N ASN F 22 7.82 34.96 2.30
CA ASN F 22 7.98 35.30 0.89
C ASN F 22 7.11 36.51 0.56
N PRO F 23 7.62 37.72 0.89
CA PRO F 23 6.87 39.00 0.77
C PRO F 23 6.38 39.31 -0.65
N ALA F 24 6.91 38.60 -1.64
CA ALA F 24 6.39 38.64 -3.02
C ALA F 24 4.86 38.38 -3.06
N LEU F 25 4.42 37.41 -2.26
CA LEU F 25 3.03 36.93 -2.23
C LEU F 25 2.02 37.81 -1.47
N ARG F 26 2.53 38.76 -0.68
CA ARG F 26 1.69 39.64 0.17
C ARG F 26 0.41 40.14 -0.50
N ASP F 27 0.53 40.62 -1.73
CA ASP F 27 -0.58 41.32 -2.37
C ASP F 27 -1.30 40.51 -3.43
N ILE F 28 -0.82 39.30 -3.71
CA ILE F 28 -1.36 38.41 -4.76
C ILE F 28 -2.26 37.28 -4.16
N PRO F 29 -3.38 36.90 -4.84
CA PRO F 29 -4.19 35.78 -4.33
C PRO F 29 -3.42 34.46 -4.18
N ILE F 30 -3.16 34.05 -2.93
CA ILE F 30 -2.53 32.77 -2.70
C ILE F 30 -3.44 31.83 -1.92
N ALA F 31 -3.30 30.53 -2.19
CA ALA F 31 -3.90 29.47 -1.37
C ALA F 31 -2.88 28.36 -0.95
N ILE F 32 -3.16 27.70 0.17
CA ILE F 32 -2.47 26.50 0.54
C ILE F 32 -3.46 25.37 0.25
N GLY F 33 -3.09 24.45 -0.65
CA GLY F 33 -3.96 23.30 -0.98
C GLY F 33 -3.35 22.27 -1.92
N GLY F 34 -4.03 21.14 -2.07
CA GLY F 34 -3.63 20.09 -3.01
C GLY F 34 -4.07 20.43 -4.41
N SER F 35 -3.29 20.04 -5.41
CA SER F 35 -3.60 20.38 -6.80
C SER F 35 -4.85 19.63 -7.33
N ARG F 36 -5.28 19.96 -8.55
CA ARG F 36 -6.47 19.34 -9.12
C ARG F 36 -6.20 17.92 -9.60
N GLU F 37 -5.04 17.74 -10.23
CA GLU F 37 -4.55 16.41 -10.63
C GLU F 37 -4.65 15.41 -9.46
N ARG F 38 -4.13 15.81 -8.29
CA ARG F 38 -4.10 14.92 -7.12
C ARG F 38 -5.40 14.99 -6.31
N ARG F 39 -6.46 15.51 -6.95
CA ARG F 39 -7.80 15.55 -6.38
C ARG F 39 -7.93 16.23 -5.03
N GLY F 40 -7.20 17.32 -4.83
CA GLY F 40 -7.15 18.02 -3.54
C GLY F 40 -8.09 19.20 -3.39
N VAL F 41 -8.11 19.76 -2.18
CA VAL F 41 -8.98 20.91 -1.82
C VAL F 41 -8.15 22.11 -1.28
N ILE F 42 -8.79 23.27 -1.09
CA ILE F 42 -8.12 24.39 -0.41
C ILE F 42 -8.12 24.30 1.12
N SER F 43 -6.91 24.28 1.67
CA SER F 43 -6.71 24.36 3.13
C SER F 43 -7.16 25.72 3.61
N THR F 44 -6.55 26.79 3.05
CA THR F 44 -6.85 28.17 3.45
C THR F 44 -6.53 29.07 2.27
N ALA F 45 -7.14 30.25 2.26
CA ALA F 45 -6.79 31.31 1.30
C ALA F 45 -6.52 32.67 2.00
N ASN F 46 -5.55 33.42 1.48
CA ASN F 46 -5.32 34.82 1.87
C ASN F 46 -6.52 35.70 1.49
N TYR F 47 -6.54 36.90 2.06
CA TYR F 47 -7.63 37.85 1.84
C TYR F 47 -7.91 38.21 0.37
N PRO F 48 -6.85 38.54 -0.40
CA PRO F 48 -6.98 38.72 -1.85
C PRO F 48 -7.79 37.63 -2.55
N ALA F 49 -7.55 36.35 -2.19
CA ALA F 49 -8.23 35.18 -2.79
C ALA F 49 -9.65 35.03 -2.31
N ARG F 50 -9.84 35.26 -1.02
CA ARG F 50 -11.17 35.19 -0.43
C ARG F 50 -12.16 36.13 -1.10
N LYS F 51 -11.72 37.31 -1.53
CA LYS F 51 -12.67 38.22 -2.20
C LYS F 51 -13.19 37.58 -3.48
N PHE F 52 -12.40 36.67 -4.05
CA PHE F 52 -12.81 35.87 -5.21
C PHE F 52 -13.74 34.70 -4.89
N GLY F 53 -13.75 34.29 -3.62
CA GLY F 53 -14.73 33.31 -3.13
C GLY F 53 -14.08 31.98 -2.79
N VAL F 54 -12.75 31.98 -2.86
CA VAL F 54 -11.93 30.86 -2.53
C VAL F 54 -12.05 30.58 -1.05
N ARG F 55 -12.65 29.45 -0.70
CA ARG F 55 -12.85 29.07 0.69
C ARG F 55 -12.02 27.85 1.06
N SER F 56 -11.82 27.67 2.36
CA SER F 56 -11.41 26.39 2.89
C SER F 56 -12.40 25.29 2.56
N ALA F 57 -11.86 24.08 2.38
CA ALA F 57 -12.68 22.90 2.05
C ALA F 57 -13.16 22.84 0.60
N MET F 58 -12.89 23.89 -0.16
CA MET F 58 -13.24 23.96 -1.57
C MET F 58 -12.28 23.14 -2.46
N PRO F 59 -12.85 22.32 -3.38
CA PRO F 59 -12.01 21.54 -4.32
C PRO F 59 -11.18 22.51 -5.12
N THR F 60 -9.87 22.34 -5.16
CA THR F 60 -8.98 23.23 -5.95
C THR F 60 -9.42 23.52 -7.39
N GLY F 61 -10.30 22.68 -7.91
CA GLY F 61 -10.90 22.89 -9.22
C GLY F 61 -11.79 24.11 -9.24
N MET F 62 -12.71 24.18 -8.28
CA MET F 62 -13.63 25.30 -8.16
C MET F 62 -12.94 26.61 -7.74
N ALA F 63 -11.82 26.46 -7.04
CA ALA F 63 -11.00 27.59 -6.64
C ALA F 63 -10.38 28.28 -7.82
N LEU F 64 -9.95 27.52 -8.82
CA LEU F 64 -9.27 28.09 -10.01
C LEU F 64 -10.25 28.63 -11.05
N ALA F 65 -11.40 27.98 -11.20
CA ALA F 65 -12.48 28.55 -11.97
C ALA F 65 -12.78 29.98 -11.44
N LEU F 66 -13.11 30.10 -10.17
CA LEU F 66 -13.40 31.38 -9.48
C LEU F 66 -12.25 32.38 -9.36
N CYS F 67 -11.02 31.89 -9.33
CA CYS F 67 -9.85 32.73 -9.22
C CYS F 67 -8.72 32.12 -10.08
N PRO F 68 -8.76 32.39 -11.41
CA PRO F 68 -7.76 31.83 -12.30
C PRO F 68 -6.33 32.20 -11.92
N HIS F 69 -6.09 33.44 -11.50
CA HIS F 69 -4.73 33.84 -11.17
C HIS F 69 -4.27 33.35 -9.78
N LEU F 70 -5.05 32.45 -9.17
CA LEU F 70 -4.69 31.82 -7.90
C LEU F 70 -3.33 31.14 -7.90
N THR F 71 -2.49 31.54 -6.95
CA THR F 71 -1.25 30.82 -6.66
C THR F 71 -1.48 29.75 -5.60
N LEU F 72 -1.21 28.49 -5.97
CA LEU F 72 -1.48 27.31 -5.14
C LEU F 72 -0.22 26.73 -4.49
N LEU F 73 -0.28 26.50 -3.18
CA LEU F 73 0.91 26.07 -2.43
C LEU F 73 0.79 24.70 -1.72
N PRO F 74 1.91 23.96 -1.67
CA PRO F 74 1.90 22.67 -1.00
C PRO F 74 1.83 22.84 0.51
N GLY F 75 2.28 24.01 0.99
CA GLY F 75 2.34 24.30 2.42
C GLY F 75 3.56 23.70 3.08
N ARG F 76 3.77 24.01 4.35
CA ARG F 76 5.01 23.59 5.01
C ARG F 76 4.80 23.35 6.48
N PHE F 77 4.28 22.17 6.84
CA PHE F 77 3.95 21.88 8.23
C PHE F 77 4.97 22.39 9.28
N ASP F 78 6.27 22.16 9.06
CA ASP F 78 7.26 22.52 10.09
C ASP F 78 7.18 24.00 10.46
N ALA F 79 7.20 24.85 9.43
CA ALA F 79 6.97 26.27 9.59
C ALA F 79 5.80 26.54 10.56
N TYR F 80 4.64 26.00 10.25
CA TYR F 80 3.41 26.18 11.04
C TYR F 80 3.47 25.65 12.48
N LYS F 81 4.18 24.55 12.68
CA LYS F 81 4.32 23.97 14.01
C LYS F 81 5.35 24.77 14.81
N GLU F 82 6.31 25.38 14.12
CA GLU F 82 7.25 26.31 14.71
C GLU F 82 6.47 27.50 15.34
N ALA F 83 5.71 28.20 14.49
CA ALA F 83 4.83 29.28 14.91
C ALA F 83 3.86 28.87 16.02
N SER F 84 3.28 27.67 15.89
CA SER F 84 2.29 27.15 16.85
C SER F 84 2.84 27.00 18.26
N ASN F 85 4.08 26.51 18.39
CA ASN F 85 4.73 26.41 19.70
C ASN F 85 5.08 27.79 20.26
N HIS F 86 5.66 28.63 19.41
CA HIS F 86 6.07 29.96 19.83
C HIS F 86 4.91 30.65 20.53
N ILE F 87 3.74 30.64 19.89
CA ILE F 87 2.54 31.30 20.41
C ILE F 87 2.04 30.63 21.69
N ARG F 88 2.00 29.32 21.70
CA ARG F 88 1.54 28.58 22.88
C ARG F 88 2.32 28.97 24.14
N GLU F 89 3.61 29.31 23.98
CA GLU F 89 4.44 29.75 25.12
C GLU F 89 4.13 31.21 25.47
N ILE F 90 3.83 31.98 24.44
CA ILE F 90 3.49 33.37 24.64
C ILE F 90 2.33 33.40 25.60
N PHE F 91 1.39 32.49 25.42
CA PHE F 91 0.23 32.40 26.32
C PHE F 91 0.62 32.10 27.77
N SER F 92 1.58 31.21 27.95
CA SER F 92 1.92 30.75 29.29
C SER F 92 2.77 31.76 30.03
N ARG F 93 3.13 32.84 29.34
CA ARG F 93 3.62 34.04 30.03
C ARG F 93 2.49 34.65 30.87
N TYR F 94 1.26 34.50 30.40
CA TYR F 94 0.11 35.14 31.03
C TYR F 94 -0.79 34.23 31.88
N THR F 95 -0.78 32.92 31.58
CA THR F 95 -1.55 31.95 32.38
C THR F 95 -1.05 30.53 32.08
N SER F 96 -1.45 29.54 32.87
CA SER F 96 -1.14 28.15 32.52
C SER F 96 -2.46 27.48 32.10
N ARG F 97 -3.57 28.14 32.47
CA ARG F 97 -4.92 27.77 32.03
C ARG F 97 -5.07 28.01 30.52
N ILE F 98 -4.79 26.99 29.73
CA ILE F 98 -4.75 27.13 28.28
C ILE F 98 -5.28 25.87 27.62
N GLU F 99 -6.25 26.02 26.72
CA GLU F 99 -6.76 24.91 25.93
C GLU F 99 -6.48 25.21 24.43
N PRO F 100 -5.43 24.59 23.82
CA PRO F 100 -5.24 24.86 22.39
C PRO F 100 -6.30 24.05 21.69
N LEU F 101 -6.90 24.63 20.65
CA LEU F 101 -7.98 23.97 19.92
C LEU F 101 -7.47 23.45 18.59
N SER F 102 -6.22 23.80 18.28
CA SER F 102 -5.69 23.66 16.93
C SER F 102 -4.31 24.25 16.99
N LEU F 103 -3.62 24.27 15.87
CA LEU F 103 -2.32 24.89 15.88
C LEU F 103 -2.43 26.42 16.16
N ASP F 104 -3.50 27.03 15.63
CA ASP F 104 -3.72 28.51 15.61
C ASP F 104 -4.84 29.09 16.53
N GLU F 105 -5.26 28.32 17.53
CA GLU F 105 -6.41 28.70 18.31
C GLU F 105 -6.18 28.22 19.72
N ALA F 106 -6.51 29.10 20.68
CA ALA F 106 -6.53 28.74 22.08
C ALA F 106 -7.53 29.53 22.89
N TYR F 107 -8.21 28.86 23.80
CA TYR F 107 -8.92 29.51 24.87
C TYR F 107 -7.96 29.81 26.03
N LEU F 108 -8.24 30.84 26.81
CA LEU F 108 -7.38 31.21 27.94
C LEU F 108 -8.23 31.68 29.13
N ASP F 109 -8.02 31.06 30.29
CA ASP F 109 -8.75 31.50 31.49
C ASP F 109 -7.97 32.53 32.31
N VAL F 110 -8.53 33.72 32.41
CA VAL F 110 -7.82 34.88 32.95
C VAL F 110 -8.58 35.49 34.11
N THR F 111 -9.51 34.74 34.69
CA THR F 111 -10.27 35.19 35.85
C THR F 111 -9.30 35.51 36.98
N ASP F 112 -8.27 34.67 37.13
CA ASP F 112 -7.34 34.72 38.27
C ASP F 112 -5.99 35.35 37.92
N SER F 113 -5.98 36.19 36.89
CA SER F 113 -4.71 36.75 36.43
C SER F 113 -4.46 38.16 36.97
N VAL F 114 -3.22 38.34 37.41
CA VAL F 114 -2.78 39.57 38.05
C VAL F 114 -1.93 40.35 37.06
N HIS F 115 -2.09 40.04 35.77
CA HIS F 115 -1.05 40.37 34.81
C HIS F 115 -1.19 41.75 34.15
N CYS F 116 -2.40 42.30 34.11
CA CYS F 116 -2.59 43.65 33.54
C CYS F 116 -3.63 44.45 34.30
N HIS F 117 -3.41 44.57 35.61
CA HIS F 117 -4.37 45.21 36.49
C HIS F 117 -5.68 44.42 36.42
N GLY F 118 -5.55 43.17 35.95
CA GLY F 118 -6.67 42.25 35.84
C GLY F 118 -7.71 42.59 34.79
N SER F 119 -7.38 43.47 33.85
CA SER F 119 -8.27 43.83 32.71
C SER F 119 -8.03 42.95 31.48
N ALA F 120 -8.93 41.96 31.30
CA ALA F 120 -8.83 40.98 30.19
C ALA F 120 -8.59 41.65 28.84
N THR F 121 -9.37 42.69 28.54
CA THR F 121 -9.19 43.53 27.37
C THR F 121 -7.73 43.85 27.15
N LEU F 122 -7.05 44.26 28.22
CA LEU F 122 -5.69 44.72 28.07
C LEU F 122 -4.73 43.55 27.96
N ILE F 123 -5.02 42.46 28.68
CA ILE F 123 -4.21 41.24 28.52
C ILE F 123 -4.26 40.74 27.05
N ALA F 124 -5.45 40.80 26.47
CA ALA F 124 -5.72 40.39 25.10
C ALA F 124 -4.92 41.26 24.16
N GLN F 125 -5.06 42.58 24.31
CA GLN F 125 -4.30 43.56 23.55
C GLN F 125 -2.81 43.25 23.62
N GLU F 126 -2.35 42.98 24.82
CA GLU F 126 -0.96 42.70 25.06
C GLU F 126 -0.48 41.33 24.51
N ILE F 127 -1.40 40.41 24.21
CA ILE F 127 -0.99 39.14 23.59
C ILE F 127 -0.92 39.23 22.07
N ARG F 128 -1.94 39.85 21.47
CA ARG F 128 -1.96 40.09 20.04
C ARG F 128 -0.75 40.93 19.64
N GLN F 129 -0.54 42.03 20.35
CA GLN F 129 0.73 42.74 20.26
C GLN F 129 1.72 41.84 20.98
N THR F 130 2.93 41.74 20.49
CA THR F 130 3.90 40.87 21.15
C THR F 130 3.90 39.54 20.44
N ILE F 131 2.73 39.12 19.99
CA ILE F 131 2.66 38.10 18.95
C ILE F 131 3.07 38.75 17.60
N PHE F 132 2.63 39.98 17.35
CA PHE F 132 3.05 40.76 16.17
C PHE F 132 4.53 41.14 16.26
N ASN F 133 4.98 41.47 17.47
CA ASN F 133 6.42 41.56 17.69
C ASN F 133 6.90 40.13 17.79
N GLU F 134 8.09 39.82 17.29
CA GLU F 134 8.69 38.53 17.62
C GLU F 134 8.17 37.31 16.83
N LEU F 135 6.99 37.44 16.21
CA LEU F 135 6.49 36.48 15.20
C LEU F 135 6.07 37.16 13.91
N GLN F 136 5.96 38.48 13.94
CA GLN F 136 5.60 39.27 12.75
C GLN F 136 4.25 38.80 12.13
N LEU F 137 3.39 38.22 12.96
CA LEU F 137 2.10 37.68 12.57
C LEU F 137 0.94 38.29 13.34
N THR F 138 -0.21 38.44 12.67
CA THR F 138 -1.41 38.98 13.30
C THR F 138 -2.41 37.93 13.80
N ALA F 139 -3.17 38.32 14.81
CA ALA F 139 -4.18 37.50 15.40
C ALA F 139 -5.26 38.36 16.00
N SER F 140 -6.46 37.78 16.08
CA SER F 140 -7.64 38.37 16.65
C SER F 140 -8.01 37.69 17.96
N ALA F 141 -8.81 38.39 18.76
CA ALA F 141 -9.20 37.86 20.06
C ALA F 141 -10.63 38.20 20.42
N GLY F 142 -11.21 37.38 21.28
CA GLY F 142 -12.57 37.57 21.73
C GLY F 142 -12.47 37.39 23.20
N VAL F 143 -13.22 38.20 23.95
CA VAL F 143 -13.16 38.18 25.38
C VAL F 143 -14.59 38.05 25.87
N ALA F 144 -14.90 37.01 26.64
CA ALA F 144 -16.28 36.86 27.17
C ALA F 144 -16.45 36.07 28.49
N PRO F 145 -17.66 36.12 29.12
CA PRO F 145 -17.94 35.34 30.35
C PRO F 145 -17.81 33.81 30.20
N VAL F 146 -17.92 33.36 28.95
CA VAL F 146 -18.03 31.96 28.58
C VAL F 146 -17.25 31.72 27.30
N LYS F 147 -16.98 30.46 27.02
CA LYS F 147 -16.16 30.04 25.87
C LYS F 147 -16.72 30.40 24.50
N PHE F 148 -17.96 29.97 24.24
CA PHE F 148 -18.54 30.16 22.91
C PHE F 148 -18.67 31.64 22.50
N LEU F 149 -19.08 32.49 23.42
CA LEU F 149 -19.02 33.94 23.17
C LEU F 149 -17.58 34.45 22.98
N ALA F 150 -16.67 34.10 23.86
CA ALA F 150 -15.28 34.41 23.54
C ALA F 150 -14.89 33.97 22.10
N LYS F 151 -15.36 32.80 21.63
CA LYS F 151 -14.99 32.31 20.27
C LYS F 151 -15.67 33.12 19.17
N ILE F 152 -16.99 33.28 19.26
CA ILE F 152 -17.72 34.22 18.40
C ILE F 152 -17.16 35.65 18.39
N ALA F 153 -16.85 36.23 19.55
CA ALA F 153 -16.23 37.56 19.60
C ALA F 153 -14.88 37.64 18.86
N SER F 154 -14.18 36.53 18.80
CA SER F 154 -12.83 36.54 18.24
C SER F 154 -12.86 36.76 16.73
N ASP F 155 -13.97 36.33 16.09
CA ASP F 155 -14.20 36.48 14.65
C ASP F 155 -14.65 37.89 14.26
N MET F 156 -15.33 38.58 15.18
CA MET F 156 -16.03 39.81 14.83
C MET F 156 -15.17 40.97 14.31
N ASN F 157 -13.89 40.97 14.68
CA ASN F 157 -13.00 42.02 14.25
C ASN F 157 -11.79 41.42 13.58
N LYS F 158 -11.97 40.26 12.93
CA LYS F 158 -10.91 39.66 12.10
C LYS F 158 -10.74 40.48 10.83
N PRO F 159 -9.52 40.76 10.42
CA PRO F 159 -8.26 40.41 11.07
C PRO F 159 -7.78 41.47 12.10
N ASN F 160 -6.79 41.07 12.89
CA ASN F 160 -6.02 42.02 13.68
C ASN F 160 -6.88 42.96 14.53
N GLY F 161 -7.89 42.39 15.16
CA GLY F 161 -8.79 43.15 16.00
C GLY F 161 -9.21 42.30 17.18
N GLN F 162 -9.99 42.90 18.08
CA GLN F 162 -10.58 42.14 19.15
C GLN F 162 -11.92 42.75 19.43
N PHE F 163 -12.72 42.05 20.23
CA PHE F 163 -14.07 42.48 20.58
C PHE F 163 -14.45 41.95 21.97
N VAL F 164 -15.07 42.79 22.79
CA VAL F 164 -15.30 42.36 24.16
C VAL F 164 -16.76 42.29 24.51
N ILE F 165 -17.13 41.20 25.19
CA ILE F 165 -18.49 41.02 25.70
C ILE F 165 -18.47 40.94 27.24
N THR F 166 -19.07 41.94 27.85
CA THR F 166 -19.23 42.01 29.28
C THR F 166 -20.52 41.30 29.62
N PRO F 167 -20.59 40.76 30.85
CA PRO F 167 -21.83 40.10 31.27
C PRO F 167 -23.09 40.97 31.01
N ALA F 168 -23.05 42.23 31.40
CA ALA F 168 -24.12 43.19 31.10
C ALA F 168 -24.60 43.19 29.63
N GLU F 169 -23.65 43.17 28.69
CA GLU F 169 -23.93 43.19 27.25
C GLU F 169 -24.53 41.89 26.69
N VAL F 170 -24.26 40.77 27.34
CA VAL F 170 -24.66 39.44 26.86
C VAL F 170 -26.13 39.33 26.37
N PRO F 171 -27.11 39.72 27.18
CA PRO F 171 -28.45 39.33 26.71
C PRO F 171 -28.93 40.15 25.53
N ALA F 172 -28.44 41.39 25.45
CA ALA F 172 -28.65 42.26 24.30
C ALA F 172 -28.01 41.69 23.01
N PHE F 173 -26.81 41.15 23.18
CA PHE F 173 -26.02 40.56 22.09
C PHE F 173 -26.61 39.25 21.58
N LEU F 174 -27.19 38.49 22.48
CA LEU F 174 -27.67 37.14 22.22
C LEU F 174 -28.99 37.21 21.46
N GLN F 175 -29.73 38.30 21.66
CA GLN F 175 -31.09 38.39 21.14
C GLN F 175 -31.22 38.21 19.65
N THR F 176 -30.33 38.84 18.88
CA THR F 176 -30.39 38.81 17.42
C THR F 176 -29.26 37.99 16.83
N LEU F 177 -28.59 37.22 17.68
CA LEU F 177 -27.44 36.45 17.26
C LEU F 177 -27.97 35.26 16.45
N PRO F 178 -27.56 35.18 15.18
CA PRO F 178 -27.99 34.07 14.32
C PRO F 178 -27.43 32.74 14.84
N LEU F 179 -28.32 31.77 15.09
CA LEU F 179 -27.92 30.43 15.57
C LEU F 179 -26.70 29.86 14.86
N ALA F 180 -26.57 30.13 13.55
CA ALA F 180 -25.46 29.61 12.74
C ALA F 180 -24.07 30.01 13.21
N LYS F 181 -24.00 31.15 13.89
CA LYS F 181 -22.76 31.65 14.45
C LYS F 181 -22.36 30.83 15.67
N ILE F 182 -23.29 30.12 16.32
CA ILE F 182 -22.88 29.27 17.46
C ILE F 182 -22.05 28.08 17.02
N PRO F 183 -20.84 27.95 17.61
CA PRO F 183 -19.94 26.82 17.32
C PRO F 183 -20.65 25.46 17.45
N GLY F 184 -20.38 24.56 16.50
CA GLY F 184 -21.09 23.30 16.48
C GLY F 184 -22.44 23.29 15.77
N VAL F 185 -22.96 24.48 15.45
CA VAL F 185 -24.14 24.60 14.59
C VAL F 185 -23.66 24.75 13.15
N GLY F 186 -23.72 23.64 12.39
CA GLY F 186 -23.31 23.64 11.01
C GLY F 186 -24.54 23.68 10.13
N LYS F 187 -24.32 23.53 8.82
CA LYS F 187 -25.35 23.76 7.80
C LYS F 187 -26.60 22.90 8.00
N VAL F 188 -26.38 21.62 8.33
CA VAL F 188 -27.47 20.65 8.54
C VAL F 188 -28.27 20.98 9.78
N SER F 189 -27.59 21.40 10.84
CA SER F 189 -28.27 21.80 12.06
C SER F 189 -29.03 23.07 11.75
N ALA F 190 -28.26 24.09 11.31
CA ALA F 190 -28.77 25.42 10.91
C ALA F 190 -30.05 25.30 10.07
N ALA F 191 -29.97 24.46 9.03
CA ALA F 191 -31.08 24.20 8.11
C ALA F 191 -32.27 23.45 8.75
N LYS F 192 -32.00 22.55 9.70
CA LYS F 192 -33.07 21.85 10.37
C LYS F 192 -33.83 22.77 11.30
N LEU F 193 -33.09 23.68 11.96
CA LEU F 193 -33.68 24.69 12.85
C LEU F 193 -34.53 25.66 12.03
N GLU F 194 -33.97 26.11 10.90
CA GLU F 194 -34.66 27.01 9.97
C GLU F 194 -36.05 26.47 9.64
N ALA F 195 -36.11 25.20 9.24
CA ALA F 195 -37.38 24.55 8.86
C ALA F 195 -38.35 24.42 10.02
N MET F 196 -37.92 24.78 11.23
CA MET F 196 -38.88 24.86 12.32
C MET F 196 -39.08 26.27 12.90
N GLY F 197 -38.68 27.27 12.12
CA GLY F 197 -38.88 28.69 12.44
C GLY F 197 -37.83 29.25 13.37
N LEU F 198 -36.77 28.50 13.65
CA LEU F 198 -35.72 28.96 14.56
C LEU F 198 -34.46 29.42 13.82
N ARG F 199 -34.10 30.68 14.04
CA ARG F 199 -33.00 31.33 13.33
C ARG F 199 -32.03 32.02 14.27
N THR F 200 -32.54 32.71 15.28
CA THR F 200 -31.64 33.36 16.26
C THR F 200 -31.77 32.78 17.67
N CYS F 201 -30.82 33.08 18.55
CA CYS F 201 -31.00 32.67 19.95
C CYS F 201 -32.24 33.26 20.60
N GLY F 202 -32.69 34.41 20.11
CA GLY F 202 -33.83 35.12 20.72
C GLY F 202 -35.05 34.29 20.43
N ASP F 203 -35.10 33.85 19.17
CA ASP F 203 -36.04 32.85 18.66
C ASP F 203 -36.13 31.61 19.59
N VAL F 204 -34.98 31.08 19.99
CA VAL F 204 -34.87 29.85 20.82
C VAL F 204 -35.32 30.04 22.25
N GLN F 205 -35.17 31.26 22.75
CA GLN F 205 -35.56 31.60 24.10
C GLN F 205 -37.08 31.44 24.27
N ALA F 206 -37.85 31.85 23.27
CA ALA F 206 -39.32 31.77 23.32
C ALA F 206 -39.82 30.35 22.96
N CYS F 207 -38.93 29.38 22.95
CA CYS F 207 -39.28 28.04 22.53
C CYS F 207 -39.43 27.07 23.68
N ASP F 208 -39.84 25.85 23.37
CA ASP F 208 -40.20 24.81 24.35
C ASP F 208 -39.10 23.72 24.48
N LEU F 209 -38.47 23.63 25.65
CA LEU F 209 -37.28 22.79 25.87
C LEU F 209 -37.50 21.28 25.58
N VAL F 210 -38.73 20.79 25.78
CA VAL F 210 -39.04 19.36 25.56
C VAL F 210 -38.99 18.96 24.08
N MET F 211 -39.65 19.75 23.23
CA MET F 211 -39.54 19.60 21.79
C MET F 211 -38.06 19.56 21.37
N LEU F 212 -37.23 20.40 21.98
CA LEU F 212 -35.86 20.62 21.53
C LEU F 212 -34.95 19.45 21.89
N LEU F 213 -35.26 18.78 22.99
CA LEU F 213 -34.56 17.54 23.37
C LEU F 213 -35.09 16.35 22.59
N LYS F 214 -36.40 16.35 22.38
CA LYS F 214 -37.10 15.34 21.60
C LYS F 214 -36.57 15.32 20.16
N ARG F 215 -36.42 16.51 19.57
CA ARG F 215 -35.92 16.64 18.20
C ARG F 215 -34.41 16.51 18.05
N PHE F 216 -33.63 16.92 19.05
CA PHE F 216 -32.17 16.94 18.88
C PHE F 216 -31.39 16.18 19.93
N GLY F 217 -32.01 15.88 21.07
CA GLY F 217 -31.31 15.24 22.19
C GLY F 217 -30.26 16.21 22.74
N LYS F 218 -29.07 15.69 23.02
CA LYS F 218 -28.03 16.48 23.69
C LYS F 218 -27.71 17.85 23.03
N PHE F 219 -27.74 17.91 21.71
CA PHE F 219 -27.50 19.13 20.97
C PHE F 219 -28.64 20.10 21.22
N GLY F 220 -29.83 19.58 21.45
CA GLY F 220 -30.96 20.39 21.85
C GLY F 220 -30.70 21.11 23.15
N ARG F 221 -30.39 20.35 24.19
CA ARG F 221 -30.05 20.89 25.51
C ARG F 221 -28.98 21.95 25.36
N ILE F 222 -27.88 21.58 24.69
CA ILE F 222 -26.77 22.51 24.47
C ILE F 222 -27.19 23.73 23.69
N LEU F 223 -28.12 23.54 22.76
CA LEU F 223 -28.63 24.66 22.00
C LEU F 223 -29.39 25.65 22.90
N TRP F 224 -30.35 25.13 23.66
CA TRP F 224 -31.06 25.90 24.67
C TRP F 224 -30.11 26.69 25.61
N GLU F 225 -29.11 26.01 26.15
CA GLU F 225 -28.17 26.62 27.11
C GLU F 225 -27.37 27.80 26.55
N ARG F 226 -26.67 27.55 25.46
CA ARG F 226 -25.86 28.55 24.82
C ARG F 226 -26.73 29.71 24.37
N SER F 227 -28.02 29.46 24.13
CA SER F 227 -28.97 30.55 23.81
C SER F 227 -29.25 31.50 24.98
N GLN F 228 -28.94 31.04 26.19
CA GLN F 228 -29.30 31.71 27.41
C GLN F 228 -28.05 32.38 27.96
N GLY F 229 -26.90 32.16 27.30
CA GLY F 229 -25.61 32.62 27.80
C GLY F 229 -24.90 31.56 28.63
N ILE F 230 -25.54 30.44 28.89
CA ILE F 230 -24.92 29.40 29.73
C ILE F 230 -23.97 28.47 28.96
N ASP F 231 -22.73 28.42 29.46
CA ASP F 231 -21.66 27.62 28.87
C ASP F 231 -20.66 27.28 29.98
N GLU F 232 -20.91 26.17 30.66
CA GLU F 232 -20.18 25.85 31.89
C GLU F 232 -18.80 25.24 31.70
N ARG F 233 -18.29 25.27 30.48
CA ARG F 233 -17.06 24.58 30.13
C ARG F 233 -15.80 25.31 30.64
N ASP F 234 -14.85 24.56 31.19
CA ASP F 234 -13.57 25.07 31.68
C ASP F 234 -12.42 24.90 30.70
N VAL F 235 -11.37 25.68 30.89
CA VAL F 235 -10.15 25.59 30.10
C VAL F 235 -9.24 24.54 30.73
N ASN F 236 -8.15 24.13 30.05
CA ASN F 236 -7.46 22.85 30.37
C ASN F 236 -5.92 22.71 30.32
N SER F 237 -5.41 22.40 29.13
CA SER F 237 -3.97 22.20 28.84
C SER F 237 -3.52 20.77 28.90
N GLU F 238 -4.45 19.85 29.16
CA GLU F 238 -4.09 18.46 29.41
C GLU F 238 -4.85 17.39 28.58
N ARG F 239 -5.52 17.78 27.49
CA ARG F 239 -6.01 16.74 26.57
C ARG F 239 -4.90 16.21 25.68
N LEU F 240 -5.05 14.96 25.31
CA LEU F 240 -4.11 14.30 24.43
C LEU F 240 -4.90 13.83 23.23
N ARG F 241 -4.20 13.48 22.14
CA ARG F 241 -4.86 12.78 21.05
C ARG F 241 -5.51 11.52 21.59
N LYS F 242 -6.75 11.27 21.18
CA LYS F 242 -7.47 10.05 21.50
C LYS F 242 -7.46 9.08 20.33
N SER F 243 -7.00 9.57 19.19
CA SER F 243 -6.83 8.73 18.02
C SER F 243 -5.65 9.16 17.16
N VAL F 244 -5.26 8.29 16.23
CA VAL F 244 -4.25 8.60 15.22
C VAL F 244 -4.65 7.84 13.97
N GLY F 245 -4.73 8.54 12.86
CA GLY F 245 -5.00 7.89 11.60
C GLY F 245 -4.00 8.35 10.58
N VAL F 246 -3.89 7.59 9.49
CA VAL F 246 -3.23 8.06 8.27
C VAL F 246 -4.02 7.55 7.06
N GLU F 247 -4.34 8.46 6.13
CA GLU F 247 -5.11 8.10 4.92
C GLU F 247 -4.59 8.86 3.71
N ARG F 248 -4.78 8.29 2.53
CA ARG F 248 -4.56 8.98 1.26
C ARG F 248 -5.66 8.68 0.23
N THR F 249 -5.98 9.75 -0.49
CA THR F 249 -6.82 9.69 -1.66
C THR F 249 -5.91 9.49 -2.88
N MET F 250 -6.20 8.44 -3.65
CA MET F 250 -5.41 8.13 -4.86
C MET F 250 -5.86 8.94 -6.08
N ALA F 251 -4.91 9.47 -6.85
CA ALA F 251 -5.21 10.24 -8.06
C ALA F 251 -6.21 9.56 -9.01
N GLU F 252 -6.17 8.22 -9.07
CA GLU F 252 -7.15 7.43 -9.84
C GLU F 252 -7.68 6.33 -8.94
N ASP F 253 -8.98 6.04 -8.99
CA ASP F 253 -9.57 4.91 -8.25
C ASP F 253 -8.92 3.53 -8.55
N ILE F 254 -8.82 2.69 -7.49
CA ILE F 254 -8.30 1.31 -7.56
C ILE F 254 -9.41 0.27 -7.74
N HIS F 255 -9.16 -0.79 -8.52
CA HIS F 255 -10.15 -1.87 -8.68
C HIS F 255 -9.63 -3.26 -8.27
N HIS F 256 -8.32 -3.37 -8.11
CA HIS F 256 -7.58 -4.57 -7.69
C HIS F 256 -7.15 -4.52 -6.20
N TRP F 257 -7.37 -5.62 -5.48
CA TRP F 257 -6.93 -5.78 -4.07
C TRP F 257 -5.42 -5.53 -3.76
N SER F 258 -4.55 -6.04 -4.65
CA SER F 258 -3.13 -5.84 -4.59
C SER F 258 -2.75 -4.37 -4.54
N GLU F 259 -3.60 -3.52 -5.12
CA GLU F 259 -3.31 -2.10 -5.14
C GLU F 259 -3.66 -1.54 -3.77
N CYS F 260 -4.80 -1.99 -3.25
CA CYS F 260 -5.25 -1.62 -1.92
C CYS F 260 -4.20 -2.06 -0.90
N GLU F 261 -3.84 -3.33 -0.95
CA GLU F 261 -2.76 -3.86 -0.15
C GLU F 261 -1.49 -3.05 -0.32
N ALA F 262 -1.09 -2.73 -1.55
CA ALA F 262 0.17 -2.03 -1.77
C ALA F 262 0.21 -0.70 -1.01
N ILE F 263 -0.93 -0.02 -0.99
CA ILE F 263 -1.05 1.29 -0.33
C ILE F 263 -1.00 1.08 1.19
N ILE F 264 -1.72 0.09 1.70
CA ILE F 264 -1.65 -0.22 3.12
C ILE F 264 -0.20 -0.36 3.58
N GLU F 265 0.60 -1.15 2.83
CA GLU F 265 2.04 -1.36 3.11
C GLU F 265 2.77 -0.07 3.25
N ARG F 266 2.39 0.92 2.44
CA ARG F 266 3.05 2.22 2.39
C ARG F 266 2.56 3.16 3.47
N LEU F 267 1.29 3.05 3.84
CA LEU F 267 0.73 3.83 4.96
C LEU F 267 1.19 3.30 6.33
N TYR F 268 1.48 2.00 6.44
CA TYR F 268 1.81 1.47 7.77
C TYR F 268 3.03 2.12 8.47
N PRO F 269 4.20 2.14 7.78
CA PRO F 269 5.38 2.81 8.36
C PRO F 269 5.07 4.15 9.05
N GLU F 270 4.23 4.96 8.39
CA GLU F 270 3.88 6.29 8.89
C GLU F 270 2.94 6.26 10.11
N LEU F 271 1.84 5.53 10.04
CA LEU F 271 1.07 5.31 11.24
C LEU F 271 1.94 4.79 12.38
N GLU F 272 2.95 3.99 12.06
CA GLU F 272 3.87 3.48 13.07
C GLU F 272 4.75 4.57 13.69
N ARG F 273 5.47 5.33 12.87
CA ARG F 273 6.33 6.36 13.42
C ARG F 273 5.53 7.40 14.23
N ARG F 274 4.31 7.68 13.78
CA ARG F 274 3.40 8.62 14.42
C ARG F 274 2.90 8.13 15.76
N LEU F 275 2.54 6.85 15.85
CA LEU F 275 2.08 6.28 17.12
C LEU F 275 3.25 6.25 18.11
N ALA F 276 4.45 5.99 17.57
CA ALA F 276 5.69 5.92 18.34
C ALA F 276 5.90 7.22 19.09
N LYS F 277 5.74 8.35 18.39
CA LYS F 277 5.91 9.70 18.94
C LYS F 277 5.22 9.87 20.30
N VAL F 278 4.08 9.19 20.50
CA VAL F 278 3.32 9.33 21.75
C VAL F 278 2.96 8.04 22.51
N LYS F 279 3.35 6.87 22.00
CA LYS F 279 3.28 5.63 22.78
C LYS F 279 4.30 4.61 22.26
N PRO F 280 5.57 4.75 22.70
CA PRO F 280 6.68 3.95 22.16
C PRO F 280 6.41 2.44 22.13
N ASP F 281 5.51 1.96 22.99
CA ASP F 281 5.16 0.54 23.12
C ASP F 281 3.95 0.09 22.30
N LEU F 282 3.34 1.02 21.55
CA LEU F 282 2.30 0.76 20.54
C LEU F 282 1.12 0.05 21.11
N LEU F 283 0.85 0.28 22.39
CA LEU F 283 -0.27 -0.42 22.99
C LEU F 283 -1.48 0.47 22.86
N ILE F 284 -2.59 -0.13 22.43
CA ILE F 284 -3.76 0.57 21.93
C ILE F 284 -5.02 -0.17 22.39
N ALA F 285 -6.21 0.31 22.00
CA ALA F 285 -7.49 -0.32 22.41
C ALA F 285 -8.29 -0.86 21.23
N ARG F 286 -8.34 -0.05 20.16
CA ARG F 286 -8.93 -0.42 18.89
C ARG F 286 -7.92 -0.12 17.80
N GLN F 287 -7.97 -0.90 16.71
CA GLN F 287 -7.34 -0.51 15.42
C GLN F 287 -8.22 -0.89 14.23
N GLY F 288 -7.93 -0.33 13.06
CA GLY F 288 -8.76 -0.58 11.88
C GLY F 288 -8.38 0.14 10.60
N VAL F 289 -9.34 0.22 9.70
CA VAL F 289 -9.07 0.66 8.33
C VAL F 289 -10.30 1.40 7.85
N LYS F 290 -10.09 2.26 6.86
CA LYS F 290 -11.17 3.01 6.26
C LYS F 290 -11.03 2.99 4.74
N LEU F 291 -12.16 2.71 4.09
CA LEU F 291 -12.24 2.82 2.64
C LEU F 291 -13.28 3.80 2.21
N LYS F 292 -12.97 4.64 1.22
CA LYS F 292 -13.95 5.46 0.56
C LYS F 292 -13.99 5.14 -0.92
N PHE F 293 -15.23 5.00 -1.40
CA PHE F 293 -15.56 4.58 -2.76
C PHE F 293 -15.80 5.75 -3.69
N ASP F 294 -15.88 5.44 -5.00
CA ASP F 294 -15.98 6.46 -6.06
C ASP F 294 -17.23 7.31 -5.94
N ASP F 295 -18.28 6.71 -5.39
CA ASP F 295 -19.59 7.35 -5.17
C ASP F 295 -19.57 8.17 -3.89
N PHE F 296 -18.41 8.12 -3.22
CA PHE F 296 -18.04 8.98 -2.09
C PHE F 296 -18.68 8.54 -0.80
N GLN F 297 -19.27 7.33 -0.80
CA GLN F 297 -19.62 6.66 0.46
C GLN F 297 -18.29 6.23 1.08
N GLN F 298 -18.21 6.25 2.39
CA GLN F 298 -17.01 5.75 3.05
C GLN F 298 -17.38 4.78 4.15
N THR F 299 -16.53 3.79 4.39
CA THR F 299 -16.75 2.80 5.45
C THR F 299 -15.47 2.51 6.25
N THR F 300 -15.66 2.02 7.46
CA THR F 300 -14.56 1.84 8.39
C THR F 300 -14.89 0.55 9.07
N GLN F 301 -13.83 -0.15 9.43
CA GLN F 301 -13.90 -1.39 10.15
C GLN F 301 -12.76 -1.29 11.14
N GLU F 302 -13.16 -1.35 12.39
CA GLU F 302 -12.25 -1.11 13.49
C GLU F 302 -12.67 -2.15 14.48
N HIS F 303 -11.71 -2.90 15.00
CA HIS F 303 -12.01 -3.91 16.03
C HIS F 303 -11.05 -3.73 17.24
N VAL F 304 -11.51 -4.24 18.40
CA VAL F 304 -10.72 -4.29 19.65
C VAL F 304 -9.40 -4.99 19.40
N TRP F 305 -8.32 -4.50 20.00
CA TRP F 305 -6.96 -4.98 19.67
C TRP F 305 -5.82 -4.40 20.56
N PRO F 306 -4.92 -5.28 21.05
CA PRO F 306 -4.00 -4.85 22.11
C PRO F 306 -2.85 -3.97 21.63
N ARG F 307 -2.26 -4.31 20.48
CA ARG F 307 -1.11 -3.59 19.95
C ARG F 307 -1.39 -3.21 18.50
N LEU F 308 -0.68 -2.20 17.98
CA LEU F 308 -0.68 -1.87 16.55
C LEU F 308 -0.10 -3.09 15.88
N ASN F 309 -0.67 -3.47 14.74
CA ASN F 309 -0.32 -4.71 14.05
C ASN F 309 -0.65 -4.66 12.57
N LYS F 310 0.38 -4.55 11.73
CA LYS F 310 0.22 -4.55 10.27
C LYS F 310 -0.61 -5.69 9.66
N ALA F 311 -0.13 -6.92 9.80
CA ALA F 311 -0.90 -8.13 9.50
C ALA F 311 -2.38 -7.96 9.76
N ASP F 312 -2.71 -7.42 10.93
CA ASP F 312 -4.09 -7.39 11.36
C ASP F 312 -4.83 -6.34 10.56
N LEU F 313 -4.09 -5.32 10.16
CA LEU F 313 -4.66 -4.24 9.35
C LEU F 313 -5.01 -4.77 7.97
N ILE F 314 -4.05 -5.49 7.38
CA ILE F 314 -4.18 -6.03 6.01
C ILE F 314 -5.36 -6.96 5.99
N ALA F 315 -5.46 -7.83 6.97
CA ALA F 315 -6.52 -8.81 6.96
C ALA F 315 -7.88 -8.08 6.97
N THR F 316 -8.09 -7.20 7.92
CA THR F 316 -9.37 -6.47 8.02
C THR F 316 -9.66 -5.62 6.78
N ALA F 317 -8.63 -4.99 6.22
CA ALA F 317 -8.78 -4.41 4.86
C ALA F 317 -9.28 -5.42 3.80
N ARG F 318 -8.80 -6.67 3.85
CA ARG F 318 -9.19 -7.70 2.90
C ARG F 318 -10.65 -7.99 3.08
N LYS F 319 -11.07 -8.20 4.34
CA LYS F 319 -12.48 -8.43 4.66
C LYS F 319 -13.41 -7.29 4.18
N THR F 320 -12.98 -6.05 4.36
CA THR F 320 -13.73 -4.90 3.90
C THR F 320 -13.88 -4.90 2.39
N TRP F 321 -12.74 -4.88 1.70
CA TRP F 321 -12.68 -5.05 0.24
C TRP F 321 -13.62 -6.15 -0.30
N ASP F 322 -13.71 -7.28 0.41
CA ASP F 322 -14.60 -8.35 -0.02
C ASP F 322 -16.06 -8.12 0.31
N GLU F 323 -16.35 -7.62 1.51
CA GLU F 323 -17.75 -7.57 1.93
C GLU F 323 -18.45 -6.25 1.68
N ARG F 324 -17.71 -5.14 1.63
CA ARG F 324 -18.37 -3.82 1.55
C ARG F 324 -18.19 -3.04 0.26
N ARG F 325 -17.18 -3.41 -0.52
CA ARG F 325 -16.87 -2.67 -1.73
C ARG F 325 -17.99 -2.75 -2.80
N GLY F 326 -18.77 -3.83 -2.78
CA GLY F 326 -19.83 -4.00 -3.77
C GLY F 326 -19.48 -3.61 -5.20
N GLY F 327 -18.30 -3.97 -5.68
CA GLY F 327 -17.94 -3.71 -7.07
C GLY F 327 -17.31 -2.37 -7.36
N ARG F 328 -17.51 -1.38 -6.48
CA ARG F 328 -16.99 -0.02 -6.72
C ARG F 328 -15.45 0.11 -6.70
N GLY F 329 -14.95 1.15 -7.37
CA GLY F 329 -13.59 1.63 -7.21
C GLY F 329 -13.42 2.38 -5.89
N VAL F 330 -12.17 2.48 -5.43
CA VAL F 330 -11.86 3.01 -4.13
C VAL F 330 -11.03 4.26 -4.37
N ARG F 331 -11.43 5.37 -3.76
CA ARG F 331 -10.69 6.65 -4.00
C ARG F 331 -9.67 6.99 -2.92
N LEU F 332 -9.87 6.35 -1.78
CA LEU F 332 -9.13 6.65 -0.59
C LEU F 332 -9.09 5.39 0.19
N VAL F 333 -7.91 5.11 0.75
CA VAL F 333 -7.79 4.14 1.87
C VAL F 333 -7.00 4.78 3.01
N GLY F 334 -7.43 4.49 4.25
CA GLY F 334 -6.72 4.93 5.44
C GLY F 334 -6.68 3.96 6.60
N LEU F 335 -5.63 4.07 7.42
CA LEU F 335 -5.44 3.27 8.64
C LEU F 335 -5.70 4.05 9.92
N HIS F 336 -6.40 3.41 10.87
CA HIS F 336 -6.83 4.13 12.09
C HIS F 336 -6.59 3.35 13.39
N VAL F 337 -6.24 4.10 14.44
CA VAL F 337 -5.99 3.55 15.76
C VAL F 337 -6.59 4.46 16.83
N THR F 338 -7.33 3.88 17.77
CA THR F 338 -7.75 4.66 18.94
C THR F 338 -6.80 4.34 20.09
N LEU F 339 -6.25 5.37 20.73
CA LEU F 339 -5.38 5.21 21.91
C LEU F 339 -6.12 4.64 23.12
N LEU F 340 -5.43 4.48 24.25
CA LEU F 340 -6.04 4.08 25.54
C LEU F 340 -6.40 5.30 26.42
N ASP F 341 -7.28 5.10 27.42
CA ASP F 341 -7.98 6.22 28.12
C ASP F 341 -7.28 6.95 29.29
N PRO F 342 -6.77 6.19 30.31
CA PRO F 342 -6.23 6.94 31.48
C PRO F 342 -4.76 7.43 31.34
#